data_9CH1
#
_entry.id   9CH1
#
_cell.length_a   52.200
_cell.length_b   59.100
_cell.length_c   59.300
_cell.angle_alpha   96.00
_cell.angle_beta   112.40
_cell.angle_gamma   93.40
#
_symmetry.space_group_name_H-M   'P 1'
#
loop_
_entity.id
_entity.type
_entity.pdbx_description
1 polymer 'TP-methylase family protein'
2 polymer 'Extradiol ring-cleavage dioxygenase LigAB LigA subunit domain-containing protein'
3 non-polymer S-ADENOSYL-L-HOMOCYSTEINE
4 non-polymer GLYCEROL
5 non-polymer 'ZINC ION'
6 non-polymer S-ADENOSYLMETHIONINE
7 water water
#
loop_
_entity_poly.entity_id
_entity_poly.type
_entity_poly.pdbx_seq_one_letter_code
_entity_poly.pdbx_strand_id
1 'polypeptide(L)'
;MGSLVCVGTGLQLAGQISVLSRSYIEHADIVFSLLPDGFSQRWLTKLNPNVINLQQFYAQNGEVKNRRDTYEQMVNAILD
AVRAGKKTVCALYGHPGVFACVSHMAITRAKAEGFSAKMEPGISAEACLWADLGIDPGNSGHQSFEASQFMFFNHVPDPT
THLLLWQIAIAGEHTLTQFHTSSDRLQILVEQLNQWYPLDHEVVIYEAANLPIQAPRIERLPLANLPQAHLMPISTLLIP
PAKKLEYNYAILAKLGIGPEDLG
;
A,C
2 'polypeptide(L)' MHHHHHHMSGLSDFFTQLGQDAQLMEDYKQNPEAVMRAHGLTDEQINAVMTGDMEKLKTLSGDSSYQSYLVWSHGNGD B,D
#
loop_
_chem_comp.id
_chem_comp.type
_chem_comp.name
_chem_comp.formula
GOL non-polymer GLYCEROL 'C3 H8 O3'
SAH non-polymer S-ADENOSYL-L-HOMOCYSTEINE 'C14 H20 N6 O5 S'
SAM non-polymer S-ADENOSYLMETHIONINE 'C15 H22 N6 O5 S'
ZN non-polymer 'ZINC ION' 'Zn 2'
#
# COMPACT_ATOMS: atom_id res chain seq x y z
N GLY A 2 17.84 3.61 23.75
CA GLY A 2 16.89 2.71 23.08
C GLY A 2 16.01 3.46 22.09
N SER A 3 15.59 2.75 21.02
CA SER A 3 14.77 3.32 19.99
C SER A 3 13.87 2.23 19.40
N LEU A 4 12.89 2.65 18.60
CA LEU A 4 11.94 1.72 18.02
C LEU A 4 11.71 2.06 16.55
N VAL A 5 11.78 1.02 15.71
CA VAL A 5 11.40 1.13 14.30
C VAL A 5 10.53 -0.08 13.98
N CYS A 6 9.28 0.20 13.57
CA CYS A 6 8.38 -0.85 13.12
C CYS A 6 8.43 -0.92 11.60
N VAL A 7 8.70 -2.13 11.07
CA VAL A 7 8.79 -2.33 9.64
C VAL A 7 7.77 -3.40 9.23
N GLY A 8 7.46 -3.45 7.93
CA GLY A 8 6.66 -4.50 7.36
C GLY A 8 7.50 -5.40 6.45
N THR A 9 7.13 -6.69 6.38
CA THR A 9 7.89 -7.64 5.59
C THR A 9 7.11 -8.03 4.33
N GLY A 10 5.97 -7.38 4.11
CA GLY A 10 5.12 -7.72 2.97
C GLY A 10 4.44 -9.07 3.19
N LEU A 11 3.86 -9.62 2.11
CA LEU A 11 3.10 -10.85 2.18
C LEU A 11 3.95 -12.02 1.70
N GLN A 12 4.69 -11.80 0.61
CA GLN A 12 5.53 -12.83 0.03
C GLN A 12 6.84 -12.96 0.82
N LEU A 13 7.39 -14.18 0.81
CA LEU A 13 8.60 -14.51 1.52
C LEU A 13 9.80 -13.76 0.96
N ALA A 14 10.45 -12.98 1.83
CA ALA A 14 11.82 -12.53 1.65
C ALA A 14 11.93 -11.37 0.65
N GLY A 15 11.12 -11.42 -0.41
CA GLY A 15 11.33 -10.55 -1.56
C GLY A 15 10.54 -9.24 -1.47
N GLN A 16 9.53 -9.19 -0.59
CA GLN A 16 8.54 -8.12 -0.67
C GLN A 16 8.78 -7.06 0.42
N ILE A 17 9.84 -7.24 1.20
CA ILE A 17 10.24 -6.22 2.17
C ILE A 17 11.03 -5.14 1.44
N SER A 18 11.01 -3.92 1.99
CA SER A 18 11.79 -2.82 1.45
C SER A 18 13.27 -3.07 1.64
N VAL A 19 14.09 -2.46 0.78
CA VAL A 19 15.54 -2.54 0.89
C VAL A 19 15.96 -1.94 2.24
N LEU A 20 15.42 -0.77 2.56
CA LEU A 20 15.78 -0.07 3.79
C LEU A 20 15.28 -0.86 5.00
N SER A 21 14.04 -1.38 4.91
CA SER A 21 13.42 -2.08 6.01
C SER A 21 14.22 -3.34 6.36
N ARG A 22 14.73 -4.02 5.34
CA ARG A 22 15.55 -5.20 5.54
C ARG A 22 16.81 -4.82 6.32
N SER A 23 17.39 -3.67 5.94
CA SER A 23 18.62 -3.17 6.53
C SER A 23 18.40 -2.89 8.02
N TYR A 24 17.20 -2.40 8.36
CA TYR A 24 16.84 -2.12 9.74
C TYR A 24 16.86 -3.42 10.55
N ILE A 25 16.28 -4.48 9.98
CA ILE A 25 16.23 -5.78 10.65
C ILE A 25 17.67 -6.27 10.86
N GLU A 26 18.49 -6.09 9.83
CA GLU A 26 19.84 -6.62 9.80
C GLU A 26 20.69 -6.00 10.91
N HIS A 27 20.45 -4.71 11.21
CA HIS A 27 21.30 -3.98 12.13
C HIS A 27 20.66 -3.82 13.51
N ALA A 28 19.48 -4.42 13.70
CA ALA A 28 18.77 -4.30 14.97
C ALA A 28 19.51 -5.05 16.07
N ASP A 29 19.44 -4.53 17.29
CA ASP A 29 19.89 -5.23 18.48
C ASP A 29 19.00 -6.44 18.72
N ILE A 30 17.69 -6.23 18.58
CA ILE A 30 16.69 -7.26 18.84
C ILE A 30 15.52 -7.05 17.89
N VAL A 31 14.87 -8.15 17.51
CA VAL A 31 13.73 -8.09 16.60
C VAL A 31 12.56 -8.82 17.24
N PHE A 32 11.40 -8.15 17.25
CA PHE A 32 10.14 -8.78 17.64
C PHE A 32 9.33 -9.03 16.35
N SER A 33 8.97 -10.30 16.13
CA SER A 33 8.45 -10.73 14.84
C SER A 33 6.99 -11.16 14.97
N LEU A 34 6.24 -10.94 13.90
CA LEU A 34 4.92 -11.54 13.73
C LEU A 34 4.72 -11.86 12.26
N LEU A 35 5.03 -13.10 11.88
CA LEU A 35 5.20 -13.49 10.49
C LEU A 35 4.19 -14.58 10.12
N PRO A 36 3.89 -14.76 8.81
CA PRO A 36 2.85 -15.68 8.37
C PRO A 36 3.12 -17.17 8.59
N ASP A 37 4.40 -17.57 8.55
CA ASP A 37 4.73 -18.99 8.50
C ASP A 37 6.16 -19.23 8.96
N GLY A 38 6.56 -20.51 8.94
CA GLY A 38 7.85 -20.96 9.44
C GLY A 38 8.97 -20.69 8.44
N PHE A 39 8.62 -20.58 7.16
CA PHE A 39 9.59 -20.25 6.12
C PHE A 39 10.03 -18.80 6.31
N SER A 40 9.06 -17.94 6.62
CA SER A 40 9.31 -16.53 6.85
C SER A 40 10.12 -16.37 8.14
N GLN A 41 9.89 -17.27 9.11
CA GLN A 41 10.53 -17.18 10.41
C GLN A 41 12.02 -17.50 10.27
N ARG A 42 12.34 -18.55 9.50
CA ARG A 42 13.71 -18.95 9.30
C ARG A 42 14.45 -17.85 8.54
N TRP A 43 13.81 -17.31 7.50
CA TRP A 43 14.39 -16.23 6.73
C TRP A 43 14.82 -15.11 7.67
N LEU A 44 13.93 -14.74 8.60
CA LEU A 44 14.20 -13.66 9.53
C LEU A 44 15.40 -13.99 10.41
N THR A 45 15.41 -15.22 10.94
CA THR A 45 16.40 -15.62 11.94
C THR A 45 17.80 -15.58 11.32
N LYS A 46 17.89 -15.89 10.02
CA LYS A 46 19.17 -15.89 9.33
C LYS A 46 19.62 -14.46 9.08
N LEU A 47 18.65 -13.54 8.97
CA LEU A 47 18.93 -12.13 8.75
C LEU A 47 19.47 -11.53 10.05
N ASN A 48 18.87 -11.95 11.18
CA ASN A 48 19.23 -11.45 12.49
C ASN A 48 18.78 -12.47 13.52
N PRO A 49 19.71 -13.12 14.26
CA PRO A 49 19.36 -14.25 15.12
C PRO A 49 18.64 -13.87 16.41
N ASN A 50 18.75 -12.59 16.80
CA ASN A 50 18.17 -12.14 18.06
C ASN A 50 16.71 -11.77 17.81
N VAL A 51 15.84 -12.79 17.84
CA VAL A 51 14.44 -12.63 17.50
C VAL A 51 13.58 -13.12 18.66
N ILE A 52 12.53 -12.35 18.98
CA ILE A 52 11.50 -12.78 19.90
C ILE A 52 10.17 -12.81 19.15
N ASN A 53 9.52 -13.99 19.17
CA ASN A 53 8.33 -14.24 18.38
C ASN A 53 7.09 -13.79 19.14
N LEU A 54 6.36 -12.81 18.58
CA LEU A 54 5.21 -12.23 19.26
C LEU A 54 4.07 -13.25 19.31
N GLN A 55 4.14 -14.28 18.46
CA GLN A 55 3.10 -15.30 18.41
C GLN A 55 2.86 -15.88 19.80
N GLN A 56 3.94 -15.99 20.57
CA GLN A 56 3.91 -16.66 21.87
C GLN A 56 2.82 -16.06 22.77
N PHE A 57 2.48 -14.79 22.53
CA PHE A 57 1.58 -14.07 23.43
C PHE A 57 0.12 -14.39 23.07
N TYR A 58 -0.09 -15.14 21.99
CA TYR A 58 -1.42 -15.61 21.64
C TYR A 58 -1.76 -16.81 22.54
N ALA A 59 -3.06 -17.00 22.78
CA ALA A 59 -3.53 -18.11 23.59
C ALA A 59 -2.94 -19.41 23.06
N GLN A 60 -2.50 -20.28 23.97
CA GLN A 60 -1.80 -21.50 23.60
C GLN A 60 -2.69 -22.72 23.75
N ASN A 61 -3.34 -22.86 24.91
CA ASN A 61 -4.09 -24.07 25.22
C ASN A 61 -5.59 -23.79 25.19
N GLY A 62 -6.12 -23.61 23.99
CA GLY A 62 -7.55 -23.42 23.78
C GLY A 62 -8.17 -22.58 24.90
N GLU A 63 -7.39 -21.64 25.43
CA GLU A 63 -7.83 -20.82 26.54
C GLU A 63 -8.55 -19.59 25.97
N VAL A 64 -9.50 -19.06 26.74
CA VAL A 64 -10.21 -17.85 26.36
C VAL A 64 -9.37 -16.65 26.81
N LYS A 65 -9.02 -15.80 25.84
CA LYS A 65 -8.19 -14.62 26.10
C LYS A 65 -8.52 -13.56 25.06
N ASN A 66 -8.98 -12.40 25.53
CA ASN A 66 -9.26 -11.27 24.66
C ASN A 66 -7.98 -10.91 23.93
N ARG A 67 -8.07 -10.70 22.62
CA ARG A 67 -6.90 -10.41 21.80
C ARG A 67 -6.36 -9.02 22.16
N ARG A 68 -7.14 -8.26 22.92
CA ARG A 68 -6.72 -6.94 23.38
C ARG A 68 -5.70 -7.10 24.51
N ASP A 69 -5.85 -8.18 25.28
CA ASP A 69 -4.88 -8.51 26.32
C ASP A 69 -3.58 -8.98 25.68
N THR A 70 -3.71 -9.72 24.57
CA THR A 70 -2.56 -10.24 23.85
C THR A 70 -1.73 -9.09 23.31
N TYR A 71 -2.41 -8.11 22.68
CA TYR A 71 -1.75 -6.98 22.05
C TYR A 71 -1.00 -6.18 23.11
N GLU A 72 -1.58 -6.09 24.32
CA GLU A 72 -1.00 -5.32 25.40
C GLU A 72 0.33 -5.94 25.82
N GLN A 73 0.37 -7.27 25.89
CA GLN A 73 1.56 -7.99 26.30
C GLN A 73 2.63 -7.87 25.22
N MET A 74 2.19 -7.88 23.95
CA MET A 74 3.08 -7.66 22.83
C MET A 74 3.73 -6.29 22.97
N VAL A 75 2.91 -5.27 23.21
CA VAL A 75 3.37 -3.89 23.25
C VAL A 75 4.37 -3.74 24.39
N ASN A 76 4.02 -4.29 25.57
CA ASN A 76 4.84 -4.14 26.76
C ASN A 76 6.19 -4.84 26.55
N ALA A 77 6.17 -5.97 25.84
CA ALA A 77 7.39 -6.73 25.59
C ALA A 77 8.31 -5.93 24.68
N ILE A 78 7.73 -5.25 23.70
CA ILE A 78 8.50 -4.42 22.77
C ILE A 78 9.12 -3.25 23.54
N LEU A 79 8.31 -2.61 24.40
CA LEU A 79 8.74 -1.41 25.10
C LEU A 79 9.81 -1.76 26.13
N ASP A 80 9.76 -2.99 26.68
CA ASP A 80 10.73 -3.40 27.68
C ASP A 80 12.13 -3.37 27.09
N ALA A 81 12.27 -3.81 25.82
CA ALA A 81 13.55 -3.84 25.15
C ALA A 81 14.04 -2.41 24.90
N VAL A 82 13.10 -1.52 24.57
CA VAL A 82 13.42 -0.14 24.27
C VAL A 82 13.90 0.55 25.55
N ARG A 83 13.18 0.33 26.65
CA ARG A 83 13.49 0.94 27.93
C ARG A 83 14.87 0.48 28.42
N ALA A 84 15.23 -0.77 28.09
CA ALA A 84 16.49 -1.35 28.52
C ALA A 84 17.64 -0.73 27.73
N GLY A 85 17.32 -0.15 26.58
CA GLY A 85 18.30 0.60 25.79
C GLY A 85 18.62 -0.06 24.45
N LYS A 86 17.84 -1.08 24.07
CA LYS A 86 18.10 -1.82 22.85
C LYS A 86 17.56 -1.06 21.64
N LYS A 87 18.37 -1.04 20.57
CA LYS A 87 17.91 -0.58 19.27
C LYS A 87 16.95 -1.62 18.72
N THR A 88 15.65 -1.38 18.92
CA THR A 88 14.63 -2.40 18.74
C THR A 88 13.91 -2.22 17.41
N VAL A 89 13.69 -3.34 16.71
CA VAL A 89 12.92 -3.33 15.48
C VAL A 89 11.75 -4.31 15.63
N CYS A 90 10.56 -3.86 15.23
CA CYS A 90 9.38 -4.70 15.19
C CYS A 90 9.07 -5.04 13.74
N ALA A 91 9.04 -6.34 13.42
CA ALA A 91 8.82 -6.81 12.07
C ALA A 91 7.47 -7.52 11.97
N LEU A 92 6.51 -6.83 11.34
CA LEU A 92 5.18 -7.39 11.12
C LEU A 92 4.99 -7.65 9.63
N TYR A 93 4.11 -8.60 9.30
CA TYR A 93 3.86 -8.95 7.91
C TYR A 93 3.01 -7.86 7.27
N GLY A 94 3.19 -7.68 5.96
CA GLY A 94 2.52 -6.64 5.20
C GLY A 94 3.02 -5.25 5.58
N HIS A 95 2.07 -4.33 5.81
CA HIS A 95 2.34 -2.98 6.26
C HIS A 95 2.07 -2.92 7.77
N PRO A 96 3.03 -2.43 8.58
CA PRO A 96 2.94 -2.54 10.03
C PRO A 96 1.81 -1.73 10.68
N GLY A 97 1.29 -0.75 9.95
CA GLY A 97 0.29 0.16 10.49
C GLY A 97 -1.08 -0.04 9.85
N VAL A 98 -1.22 -1.09 9.04
CA VAL A 98 -2.47 -1.36 8.34
C VAL A 98 -3.20 -2.51 9.04
N PHE A 99 -4.32 -2.16 9.70
CA PHE A 99 -5.11 -3.13 10.45
C PHE A 99 -4.21 -3.85 11.45
N ALA A 100 -3.43 -3.07 12.21
CA ALA A 100 -2.48 -3.60 13.15
C ALA A 100 -2.18 -2.54 14.21
N CYS A 101 -2.67 -2.78 15.43
CA CYS A 101 -2.64 -1.79 16.49
C CYS A 101 -1.33 -1.88 17.27
N VAL A 102 -0.69 -3.05 17.26
CA VAL A 102 0.46 -3.30 18.10
C VAL A 102 1.52 -2.21 17.85
N SER A 103 1.79 -1.92 16.57
CA SER A 103 2.84 -0.98 16.22
C SER A 103 2.44 0.44 16.59
N HIS A 104 1.24 0.86 16.19
CA HIS A 104 0.78 2.21 16.51
C HIS A 104 0.83 2.42 18.02
N MET A 105 0.41 1.40 18.78
CA MET A 105 0.35 1.49 20.23
C MET A 105 1.75 1.60 20.82
N ALA A 106 2.68 0.79 20.29
CA ALA A 106 4.04 0.76 20.79
C ALA A 106 4.72 2.10 20.50
N ILE A 107 4.43 2.65 19.32
CA ILE A 107 5.04 3.91 18.90
C ILE A 107 4.51 5.04 19.77
N THR A 108 3.20 5.06 20.01
CA THR A 108 2.58 6.09 20.84
C THR A 108 3.20 6.06 22.23
N ARG A 109 3.38 4.85 22.77
CA ARG A 109 3.84 4.67 24.14
C ARG A 109 5.32 5.04 24.24
N ALA A 110 6.09 4.66 23.21
CA ALA A 110 7.52 4.95 23.18
C ALA A 110 7.74 6.46 23.16
N LYS A 111 6.97 7.16 22.32
CA LYS A 111 7.11 8.60 22.15
C LYS A 111 6.81 9.31 23.48
N ALA A 112 5.83 8.79 24.23
CA ALA A 112 5.36 9.43 25.44
C ALA A 112 6.38 9.26 26.56
N GLU A 113 7.21 8.22 26.47
CA GLU A 113 8.25 7.99 27.46
C GLU A 113 9.57 8.56 26.97
N GLY A 114 9.51 9.35 25.89
CA GLY A 114 10.64 10.13 25.43
C GLY A 114 11.62 9.30 24.59
N PHE A 115 11.12 8.24 23.94
CA PHE A 115 11.95 7.42 23.08
C PHE A 115 11.70 7.77 21.62
N SER A 116 12.75 7.62 20.81
CA SER A 116 12.64 7.72 19.36
C SER A 116 11.88 6.50 18.83
N ALA A 117 10.83 6.76 18.05
CA ALA A 117 10.02 5.69 17.48
C ALA A 117 9.44 6.13 16.15
N LYS A 118 9.48 5.24 15.15
CA LYS A 118 8.94 5.56 13.85
C LYS A 118 8.41 4.28 13.19
N MET A 119 7.56 4.48 12.17
CA MET A 119 7.00 3.39 11.39
C MET A 119 7.42 3.56 9.94
N GLU A 120 7.98 2.49 9.37
CA GLU A 120 8.29 2.44 7.95
C GLU A 120 7.16 1.73 7.22
N PRO A 121 6.62 2.32 6.13
CA PRO A 121 5.52 1.71 5.39
C PRO A 121 5.93 0.42 4.69
N GLY A 122 4.97 -0.49 4.51
CA GLY A 122 5.22 -1.75 3.85
C GLY A 122 4.13 -2.07 2.82
N ILE A 123 4.26 -3.23 2.17
CA ILE A 123 3.31 -3.67 1.16
C ILE A 123 2.24 -4.50 1.84
N SER A 124 0.99 -4.02 1.79
CA SER A 124 -0.12 -4.62 2.50
C SER A 124 -0.89 -5.59 1.59
N ALA A 125 -1.84 -6.30 2.20
CA ALA A 125 -2.67 -7.25 1.47
C ALA A 125 -3.49 -6.50 0.42
N GLU A 126 -3.87 -5.26 0.76
CA GLU A 126 -4.58 -4.39 -0.16
C GLU A 126 -3.73 -4.13 -1.38
N ALA A 127 -2.45 -3.80 -1.16
CA ALA A 127 -1.53 -3.50 -2.24
C ALA A 127 -1.40 -4.71 -3.16
N CYS A 128 -1.33 -5.91 -2.56
CA CYS A 128 -1.21 -7.15 -3.32
C CYS A 128 -2.46 -7.37 -4.17
N LEU A 129 -3.62 -7.02 -3.60
CA LEU A 129 -4.90 -7.29 -4.24
C LEU A 129 -5.01 -6.52 -5.56
N TRP A 130 -4.70 -5.22 -5.52
CA TRP A 130 -4.75 -4.39 -6.71
C TRP A 130 -3.95 -5.06 -7.84
N ALA A 131 -2.79 -5.61 -7.47
CA ALA A 131 -1.86 -6.17 -8.44
C ALA A 131 -2.37 -7.52 -8.95
N ASP A 132 -2.80 -8.38 -8.03
CA ASP A 132 -3.20 -9.74 -8.38
C ASP A 132 -4.48 -9.73 -9.21
N LEU A 133 -5.36 -8.77 -8.95
CA LEU A 133 -6.66 -8.73 -9.61
C LEU A 133 -6.64 -7.75 -10.78
N GLY A 134 -5.51 -7.06 -10.98
CA GLY A 134 -5.39 -6.08 -12.03
C GLY A 134 -6.45 -4.98 -11.89
N ILE A 135 -6.58 -4.43 -10.68
CA ILE A 135 -7.56 -3.41 -10.39
C ILE A 135 -6.85 -2.17 -9.86
N ASP A 136 -7.21 -1.00 -10.41
CA ASP A 136 -6.72 0.27 -9.89
C ASP A 136 -7.80 0.87 -8.98
N PRO A 137 -7.50 1.11 -7.69
CA PRO A 137 -8.48 1.66 -6.75
C PRO A 137 -9.01 3.03 -7.17
N GLY A 138 -8.30 3.68 -8.09
CA GLY A 138 -8.67 5.02 -8.54
C GLY A 138 -9.69 4.97 -9.67
N ASN A 139 -9.85 3.79 -10.28
CA ASN A 139 -10.72 3.63 -11.42
C ASN A 139 -12.11 4.18 -11.10
N SER A 140 -12.72 3.68 -10.02
CA SER A 140 -14.01 4.18 -9.59
C SER A 140 -13.99 4.43 -8.08
N GLY A 141 -12.80 4.47 -7.48
CA GLY A 141 -12.66 4.73 -6.07
C GLY A 141 -12.62 3.42 -5.26
N HIS A 142 -12.46 3.55 -3.94
CA HIS A 142 -12.13 2.41 -3.10
C HIS A 142 -12.53 2.70 -1.65
N GLN A 143 -13.07 1.67 -0.98
CA GLN A 143 -13.45 1.75 0.43
C GLN A 143 -12.98 0.50 1.16
N SER A 144 -12.47 0.70 2.39
CA SER A 144 -12.03 -0.41 3.24
C SER A 144 -12.66 -0.30 4.62
N PHE A 145 -13.16 -1.44 5.12
CA PHE A 145 -13.69 -1.53 6.47
C PHE A 145 -13.36 -2.91 7.04
N GLU A 146 -13.16 -2.95 8.36
CA GLU A 146 -13.10 -4.22 9.07
C GLU A 146 -14.51 -4.78 9.11
N ALA A 147 -14.65 -6.06 8.77
CA ALA A 147 -15.96 -6.68 8.58
C ALA A 147 -16.85 -6.49 9.80
N SER A 148 -16.30 -6.75 10.99
CA SER A 148 -17.08 -6.68 12.21
C SER A 148 -17.54 -5.25 12.48
N GLN A 149 -16.64 -4.28 12.29
CA GLN A 149 -16.96 -2.89 12.54
C GLN A 149 -18.07 -2.46 11.59
N PHE A 150 -18.08 -3.04 10.39
CA PHE A 150 -19.10 -2.73 9.40
C PHE A 150 -20.46 -3.19 9.92
N MET A 151 -20.46 -4.24 10.74
CA MET A 151 -21.70 -4.83 11.23
C MET A 151 -22.14 -4.14 12.51
N PHE A 152 -21.18 -3.70 13.33
CA PHE A 152 -21.48 -3.19 14.66
C PHE A 152 -21.88 -1.71 14.58
N PHE A 153 -21.40 -1.00 13.55
CA PHE A 153 -21.61 0.42 13.46
C PHE A 153 -22.19 0.77 12.09
N ASN A 154 -22.59 2.03 11.95
CA ASN A 154 -23.28 2.49 10.75
C ASN A 154 -22.24 2.98 9.73
N HIS A 155 -21.93 2.11 8.77
CA HIS A 155 -21.14 2.51 7.62
C HIS A 155 -22.02 2.41 6.37
N VAL A 156 -21.94 3.45 5.54
CA VAL A 156 -22.69 3.49 4.30
C VAL A 156 -21.70 3.40 3.13
N PRO A 157 -21.69 2.28 2.38
CA PRO A 157 -20.76 2.10 1.29
C PRO A 157 -21.24 2.77 0.01
N ASP A 158 -20.28 3.20 -0.81
CA ASP A 158 -20.59 3.74 -2.14
C ASP A 158 -20.50 2.60 -3.15
N PRO A 159 -21.64 2.19 -3.75
CA PRO A 159 -21.67 1.01 -4.60
C PRO A 159 -21.01 1.15 -5.97
N THR A 160 -20.39 2.31 -6.24
CA THR A 160 -19.65 2.49 -7.47
C THR A 160 -18.17 2.12 -7.25
N THR A 161 -17.79 1.96 -5.97
CA THR A 161 -16.39 1.75 -5.63
C THR A 161 -16.11 0.25 -5.48
N HIS A 162 -14.81 -0.09 -5.43
CA HIS A 162 -14.38 -1.39 -4.98
C HIS A 162 -14.37 -1.38 -3.46
N LEU A 163 -15.15 -2.30 -2.86
CA LEU A 163 -15.31 -2.35 -1.42
C LEU A 163 -14.55 -3.55 -0.86
N LEU A 164 -13.74 -3.30 0.18
CA LEU A 164 -13.02 -4.37 0.85
C LEU A 164 -13.54 -4.51 2.28
N LEU A 165 -13.81 -5.76 2.68
CA LEU A 165 -14.08 -6.08 4.07
C LEU A 165 -12.96 -6.98 4.59
N TRP A 166 -12.16 -6.44 5.52
CA TRP A 166 -11.04 -7.18 6.08
C TRP A 166 -11.51 -8.05 7.24
N GLN A 167 -10.72 -9.08 7.55
CA GLN A 167 -10.98 -9.96 8.69
C GLN A 167 -12.40 -10.51 8.59
N ILE A 168 -12.75 -10.96 7.39
CA ILE A 168 -14.09 -11.42 7.08
C ILE A 168 -14.34 -12.75 7.80
N ALA A 169 -13.27 -13.44 8.19
CA ALA A 169 -13.38 -14.77 8.76
C ALA A 169 -13.96 -14.71 10.18
N ILE A 170 -13.86 -13.54 10.83
CA ILE A 170 -14.39 -13.38 12.18
C ILE A 170 -15.49 -12.31 12.18
N ALA A 171 -16.12 -12.11 11.03
CA ALA A 171 -17.20 -11.14 10.91
C ALA A 171 -18.27 -11.42 11.95
N GLY A 172 -18.45 -10.48 12.88
CA GLY A 172 -19.53 -10.54 13.86
C GLY A 172 -19.11 -11.27 15.14
N GLU A 173 -17.82 -11.60 15.25
CA GLU A 173 -17.30 -12.31 16.41
C GLU A 173 -16.83 -11.29 17.45
N HIS A 174 -17.72 -10.96 18.39
CA HIS A 174 -17.55 -9.77 19.22
C HIS A 174 -16.52 -9.98 20.32
N THR A 175 -16.43 -11.20 20.87
CA THR A 175 -15.63 -11.43 22.06
C THR A 175 -14.14 -11.26 21.75
N LEU A 176 -13.77 -11.50 20.48
CA LEU A 176 -12.38 -11.40 20.06
C LEU A 176 -11.56 -12.51 20.74
N THR A 177 -12.20 -13.67 20.94
CA THR A 177 -11.53 -14.80 21.55
C THR A 177 -11.43 -15.94 20.55
N GLN A 178 -12.47 -16.08 19.72
CA GLN A 178 -12.55 -17.15 18.74
C GLN A 178 -11.63 -16.84 17.57
N PHE A 179 -11.25 -17.88 16.82
CA PHE A 179 -10.38 -17.74 15.67
C PHE A 179 -11.20 -17.76 14.39
N HIS A 180 -12.53 -17.86 14.52
CA HIS A 180 -13.41 -17.82 13.36
C HIS A 180 -14.85 -17.52 13.78
N THR A 181 -15.68 -17.12 12.82
CA THR A 181 -17.09 -16.82 13.06
C THR A 181 -17.94 -18.01 12.62
N SER A 182 -19.25 -17.78 12.51
CA SER A 182 -20.21 -18.82 12.16
C SER A 182 -20.96 -18.43 10.89
N SER A 183 -21.68 -19.40 10.31
CA SER A 183 -22.37 -19.20 9.04
C SER A 183 -23.59 -18.28 9.25
N ASP A 184 -24.14 -18.28 10.46
CA ASP A 184 -25.31 -17.47 10.76
C ASP A 184 -24.91 -16.00 10.82
N ARG A 185 -23.74 -15.73 11.40
CA ARG A 185 -23.20 -14.38 11.46
C ARG A 185 -23.00 -13.84 10.05
N LEU A 186 -22.55 -14.72 9.14
CA LEU A 186 -22.24 -14.33 7.78
C LEU A 186 -23.53 -14.10 7.00
N GLN A 187 -24.58 -14.84 7.37
CA GLN A 187 -25.88 -14.70 6.73
C GLN A 187 -26.47 -13.32 7.06
N ILE A 188 -26.22 -12.87 8.30
CA ILE A 188 -26.70 -11.57 8.74
C ILE A 188 -25.97 -10.48 7.95
N LEU A 189 -24.70 -10.73 7.63
CA LEU A 189 -23.89 -9.78 6.88
C LEU A 189 -24.42 -9.65 5.46
N VAL A 190 -24.83 -10.79 4.89
CA VAL A 190 -25.35 -10.84 3.53
C VAL A 190 -26.64 -10.01 3.48
N GLU A 191 -27.50 -10.17 4.48
CA GLU A 191 -28.77 -9.47 4.54
C GLU A 191 -28.49 -7.97 4.62
N GLN A 192 -27.50 -7.59 5.44
CA GLN A 192 -27.13 -6.19 5.61
C GLN A 192 -26.67 -5.62 4.27
N LEU A 193 -25.81 -6.38 3.58
CA LEU A 193 -25.22 -5.95 2.32
C LEU A 193 -26.29 -5.85 1.24
N ASN A 194 -27.39 -6.59 1.43
CA ASN A 194 -28.42 -6.70 0.41
C ASN A 194 -29.13 -5.35 0.26
N GLN A 195 -28.82 -4.41 1.16
CA GLN A 195 -29.33 -3.06 1.05
C GLN A 195 -28.79 -2.39 -0.20
N TRP A 196 -27.58 -2.80 -0.62
CA TRP A 196 -26.86 -2.11 -1.68
C TRP A 196 -26.46 -3.07 -2.80
N TYR A 197 -26.45 -4.38 -2.52
CA TYR A 197 -25.96 -5.37 -3.47
C TYR A 197 -26.98 -6.50 -3.62
N PRO A 198 -27.36 -6.86 -4.86
CA PRO A 198 -28.23 -8.02 -5.08
C PRO A 198 -27.59 -9.30 -4.55
N LEU A 199 -28.42 -10.31 -4.27
CA LEU A 199 -27.95 -11.54 -3.64
C LEU A 199 -27.07 -12.31 -4.62
N ASP A 200 -27.22 -12.04 -5.92
CA ASP A 200 -26.49 -12.75 -6.95
C ASP A 200 -25.30 -11.93 -7.42
N HIS A 201 -24.96 -10.87 -6.67
CA HIS A 201 -23.80 -10.05 -6.97
C HIS A 201 -22.53 -10.85 -6.72
N GLU A 202 -21.63 -10.86 -7.71
CA GLU A 202 -20.40 -11.63 -7.63
C GLU A 202 -19.40 -10.92 -6.73
N VAL A 203 -18.94 -11.62 -5.69
CA VAL A 203 -17.90 -11.11 -4.82
C VAL A 203 -16.68 -12.01 -4.94
N VAL A 204 -15.57 -11.60 -4.33
CA VAL A 204 -14.30 -12.29 -4.49
C VAL A 204 -13.66 -12.51 -3.13
N ILE A 205 -13.37 -13.79 -2.82
CA ILE A 205 -12.55 -14.13 -1.67
C ILE A 205 -11.10 -14.14 -2.12
N TYR A 206 -10.31 -13.21 -1.58
CA TYR A 206 -8.93 -13.04 -2.01
C TYR A 206 -7.98 -13.41 -0.87
N GLU A 207 -6.92 -14.14 -1.23
CA GLU A 207 -5.80 -14.40 -0.33
C GLU A 207 -4.51 -14.30 -1.12
N ALA A 208 -3.70 -13.28 -0.80
CA ALA A 208 -2.39 -13.15 -1.40
C ALA A 208 -1.52 -14.33 -0.97
N ALA A 209 -0.65 -14.79 -1.88
CA ALA A 209 0.25 -15.89 -1.60
C ALA A 209 1.33 -15.43 -0.62
N ASN A 210 1.80 -16.36 0.22
CA ASN A 210 2.87 -16.07 1.16
C ASN A 210 4.17 -16.71 0.66
N LEU A 211 4.08 -17.64 -0.29
CA LEU A 211 5.24 -18.34 -0.80
C LEU A 211 5.37 -18.10 -2.31
N PRO A 212 6.60 -18.11 -2.86
CA PRO A 212 6.81 -17.79 -4.27
C PRO A 212 6.37 -18.89 -5.24
N ILE A 213 6.07 -20.07 -4.70
CA ILE A 213 5.62 -21.20 -5.51
C ILE A 213 4.10 -21.32 -5.41
N GLN A 214 3.47 -20.33 -4.75
CA GLN A 214 2.06 -20.39 -4.42
C GLN A 214 1.29 -19.35 -5.24
N ALA A 215 0.15 -19.78 -5.79
CA ALA A 215 -0.74 -18.87 -6.50
C ALA A 215 -1.72 -18.26 -5.51
N PRO A 216 -2.20 -17.01 -5.74
CA PRO A 216 -3.16 -16.38 -4.84
C PRO A 216 -4.52 -17.05 -4.94
N ARG A 217 -5.33 -16.92 -3.88
CA ARG A 217 -6.72 -17.33 -3.92
C ARG A 217 -7.54 -16.18 -4.47
N ILE A 218 -8.21 -16.41 -5.61
CA ILE A 218 -9.12 -15.44 -6.18
C ILE A 218 -10.44 -16.17 -6.50
N GLU A 219 -11.26 -16.35 -5.47
CA GLU A 219 -12.44 -17.20 -5.57
C GLU A 219 -13.69 -16.35 -5.75
N ARG A 220 -14.35 -16.50 -6.91
CA ARG A 220 -15.54 -15.75 -7.23
C ARG A 220 -16.78 -16.57 -6.88
N LEU A 221 -17.79 -15.90 -6.33
CA LEU A 221 -19.05 -16.53 -5.98
C LEU A 221 -20.11 -15.44 -5.81
N PRO A 222 -21.42 -15.78 -5.96
CA PRO A 222 -22.48 -14.84 -5.63
C PRO A 222 -22.52 -14.57 -4.12
N LEU A 223 -22.88 -13.34 -3.76
CA LEU A 223 -22.90 -12.89 -2.38
C LEU A 223 -23.66 -13.88 -1.50
N ALA A 224 -24.73 -14.47 -2.04
CA ALA A 224 -25.64 -15.29 -1.25
C ALA A 224 -24.93 -16.56 -0.78
N ASN A 225 -23.80 -16.91 -1.40
CA ASN A 225 -23.14 -18.17 -1.12
C ASN A 225 -22.00 -17.96 -0.11
N LEU A 226 -21.82 -16.71 0.33
CA LEU A 226 -20.73 -16.37 1.22
C LEU A 226 -20.78 -17.24 2.48
N PRO A 227 -21.95 -17.39 3.12
CA PRO A 227 -22.05 -18.10 4.40
C PRO A 227 -21.60 -19.56 4.35
N GLN A 228 -21.50 -20.13 3.14
CA GLN A 228 -21.10 -21.51 2.98
C GLN A 228 -19.63 -21.59 2.58
N ALA A 229 -18.99 -20.43 2.37
CA ALA A 229 -17.64 -20.38 1.84
C ALA A 229 -16.64 -20.84 2.90
N HIS A 230 -15.47 -21.28 2.43
CA HIS A 230 -14.39 -21.69 3.30
C HIS A 230 -13.44 -20.50 3.51
N LEU A 231 -13.60 -19.82 4.64
CA LEU A 231 -12.85 -18.61 4.93
C LEU A 231 -11.70 -18.92 5.89
N MET A 232 -10.59 -18.20 5.72
CA MET A 232 -9.42 -18.37 6.57
C MET A 232 -9.07 -17.00 7.18
N PRO A 233 -8.29 -16.96 8.28
CA PRO A 233 -7.89 -15.70 8.90
C PRO A 233 -7.27 -14.68 7.93
N ILE A 234 -6.64 -15.17 6.87
CA ILE A 234 -5.92 -14.29 5.95
C ILE A 234 -6.83 -13.85 4.81
N SER A 235 -8.10 -14.27 4.84
CA SER A 235 -9.04 -13.97 3.77
C SER A 235 -9.49 -12.51 3.83
N THR A 236 -9.54 -11.87 2.66
CA THR A 236 -10.17 -10.58 2.51
C THR A 236 -11.30 -10.71 1.47
N LEU A 237 -12.42 -10.04 1.73
CA LEU A 237 -13.58 -10.09 0.84
C LEU A 237 -13.61 -8.83 -0.02
N LEU A 238 -13.56 -9.03 -1.35
CA LEU A 238 -13.68 -7.94 -2.30
C LEU A 238 -15.11 -7.91 -2.83
N ILE A 239 -15.73 -6.73 -2.77
CA ILE A 239 -17.06 -6.53 -3.31
C ILE A 239 -16.97 -5.50 -4.42
N PRO A 240 -16.85 -5.92 -5.70
CA PRO A 240 -16.75 -5.00 -6.83
C PRO A 240 -17.98 -4.11 -6.95
N PRO A 241 -17.92 -3.03 -7.77
CA PRO A 241 -19.02 -2.09 -7.90
C PRO A 241 -20.31 -2.77 -8.32
N ALA A 242 -21.43 -2.30 -7.75
CA ALA A 242 -22.75 -2.79 -8.13
C ALA A 242 -23.35 -1.88 -9.19
N LYS A 243 -22.75 -0.71 -9.38
CA LYS A 243 -23.25 0.28 -10.32
C LYS A 243 -22.09 0.96 -11.02
N LYS A 244 -22.34 1.42 -12.26
CA LYS A 244 -21.37 2.19 -13.00
C LYS A 244 -21.47 3.66 -12.59
N LEU A 245 -20.38 4.41 -12.86
CA LEU A 245 -20.32 5.83 -12.55
C LEU A 245 -21.40 6.57 -13.33
N GLU A 246 -22.09 7.50 -12.64
CA GLU A 246 -23.10 8.33 -13.25
C GLU A 246 -22.68 9.79 -13.14
N TYR A 247 -23.12 10.61 -14.10
CA TYR A 247 -22.70 12.00 -14.19
C TYR A 247 -23.32 12.79 -13.05
N ASN A 248 -22.52 13.71 -12.49
CA ASN A 248 -22.95 14.56 -11.39
C ASN A 248 -23.34 15.93 -11.95
N TYR A 249 -24.55 15.99 -12.51
CA TYR A 249 -25.00 17.14 -13.28
C TYR A 249 -25.01 18.39 -12.41
N ALA A 250 -25.24 18.22 -11.11
CA ALA A 250 -25.27 19.34 -10.18
C ALA A 250 -23.96 20.12 -10.25
N ILE A 251 -22.84 19.41 -10.12
CA ILE A 251 -21.53 20.04 -10.00
C ILE A 251 -21.07 20.48 -11.39
N LEU A 252 -21.31 19.64 -12.40
CA LEU A 252 -20.98 19.98 -13.78
C LEU A 252 -21.59 21.32 -14.13
N ALA A 253 -22.82 21.56 -13.65
CA ALA A 253 -23.54 22.79 -13.91
C ALA A 253 -22.81 23.97 -13.28
N LYS A 254 -22.35 23.78 -12.03
CA LYS A 254 -21.61 24.80 -11.32
C LYS A 254 -20.29 25.08 -12.03
N LEU A 255 -19.71 24.03 -12.62
CA LEU A 255 -18.45 24.16 -13.33
C LEU A 255 -18.69 24.80 -14.69
N GLY A 256 -19.96 24.81 -15.11
CA GLY A 256 -20.35 25.39 -16.39
C GLY A 256 -19.95 24.51 -17.56
N ILE A 257 -20.06 23.19 -17.37
CA ILE A 257 -19.73 22.24 -18.40
C ILE A 257 -20.77 21.12 -18.43
N GLY A 258 -20.65 20.25 -19.44
CA GLY A 258 -21.46 19.04 -19.53
C GLY A 258 -20.59 17.82 -19.79
N PRO A 259 -21.18 16.60 -19.81
CA PRO A 259 -20.43 15.37 -20.06
C PRO A 259 -19.54 15.45 -21.30
N GLU A 260 -20.02 16.13 -22.34
CA GLU A 260 -19.36 16.11 -23.64
C GLU A 260 -18.08 16.93 -23.58
N ASP A 261 -17.92 17.73 -22.52
CA ASP A 261 -16.78 18.62 -22.39
C ASP A 261 -15.65 17.90 -21.64
N LEU A 262 -15.95 16.73 -21.10
CA LEU A 262 -14.97 15.96 -20.33
C LEU A 262 -13.87 15.47 -21.25
N GLY A 263 -12.63 15.67 -20.81
CA GLY A 263 -11.46 15.27 -21.59
C GLY A 263 -11.21 13.77 -21.45
N GLY B 10 16.99 -27.55 2.89
CA GLY B 10 16.97 -27.62 1.42
C GLY B 10 15.78 -26.85 0.85
N LEU B 11 14.60 -27.09 1.43
CA LEU B 11 13.36 -26.51 0.92
C LEU B 11 13.32 -25.02 1.24
N SER B 12 13.65 -24.69 2.49
CA SER B 12 13.52 -23.33 3.01
C SER B 12 14.50 -22.41 2.30
N ASP B 13 15.72 -22.90 2.06
CA ASP B 13 16.77 -22.13 1.41
C ASP B 13 16.34 -21.79 -0.01
N PHE B 14 15.74 -22.77 -0.70
CA PHE B 14 15.32 -22.60 -2.07
C PHE B 14 14.28 -21.48 -2.13
N PHE B 15 13.26 -21.57 -1.28
CA PHE B 15 12.14 -20.63 -1.32
C PHE B 15 12.65 -19.21 -1.06
N THR B 16 13.59 -19.06 -0.12
CA THR B 16 14.11 -17.75 0.23
C THR B 16 14.81 -17.14 -0.98
N GLN B 17 15.60 -17.96 -1.69
CA GLN B 17 16.31 -17.50 -2.87
C GLN B 17 15.31 -17.09 -3.94
N LEU B 18 14.32 -17.97 -4.19
CA LEU B 18 13.38 -17.81 -5.29
C LEU B 18 12.59 -16.51 -5.12
N GLY B 19 12.26 -16.17 -3.87
CA GLY B 19 11.42 -15.02 -3.59
C GLY B 19 12.17 -13.71 -3.78
N GLN B 20 13.50 -13.78 -3.71
CA GLN B 20 14.36 -12.60 -3.69
C GLN B 20 14.98 -12.35 -5.06
N ASP B 21 15.16 -13.42 -5.84
CA ASP B 21 16.01 -13.39 -7.02
C ASP B 21 15.16 -13.50 -8.28
N ALA B 22 15.10 -12.40 -9.04
CA ALA B 22 14.20 -12.30 -10.18
C ALA B 22 14.68 -13.18 -11.32
N GLN B 23 16.00 -13.43 -11.38
CA GLN B 23 16.56 -14.27 -12.41
C GLN B 23 16.07 -15.70 -12.19
N LEU B 24 16.21 -16.19 -10.96
CA LEU B 24 15.79 -17.52 -10.58
C LEU B 24 14.27 -17.63 -10.71
N MET B 25 13.56 -16.56 -10.36
CA MET B 25 12.12 -16.53 -10.45
C MET B 25 11.68 -16.77 -11.89
N GLU B 26 12.35 -16.09 -12.83
CA GLU B 26 12.00 -16.19 -14.24
C GLU B 26 12.40 -17.56 -14.76
N ASP B 27 13.52 -18.09 -14.26
CA ASP B 27 13.94 -19.45 -14.60
C ASP B 27 12.85 -20.41 -14.15
N TYR B 28 12.41 -20.27 -12.90
CA TYR B 28 11.45 -21.19 -12.30
C TYR B 28 10.15 -21.16 -13.11
N LYS B 29 9.67 -19.98 -13.48
CA LYS B 29 8.38 -19.85 -14.12
C LYS B 29 8.44 -20.47 -15.52
N GLN B 30 9.63 -20.50 -16.12
CA GLN B 30 9.83 -21.14 -17.40
C GLN B 30 9.66 -22.66 -17.25
N ASN B 31 10.27 -23.22 -16.20
CA ASN B 31 10.30 -24.66 -16.03
C ASN B 31 10.34 -24.99 -14.53
N PRO B 32 9.18 -24.93 -13.83
CA PRO B 32 9.14 -25.17 -12.38
C PRO B 32 9.77 -26.48 -11.92
N GLU B 33 9.40 -27.59 -12.58
CA GLU B 33 9.87 -28.91 -12.18
C GLU B 33 11.38 -29.01 -12.33
N ALA B 34 11.91 -28.53 -13.46
CA ALA B 34 13.32 -28.64 -13.76
C ALA B 34 14.12 -27.89 -12.70
N VAL B 35 13.69 -26.66 -12.39
CA VAL B 35 14.39 -25.82 -11.45
C VAL B 35 14.31 -26.44 -10.06
N MET B 36 13.12 -26.94 -9.70
CA MET B 36 12.92 -27.53 -8.38
C MET B 36 13.77 -28.78 -8.22
N ARG B 37 13.74 -29.66 -9.23
CA ARG B 37 14.52 -30.88 -9.19
C ARG B 37 16.00 -30.56 -9.06
N ALA B 38 16.43 -29.50 -9.77
CA ALA B 38 17.83 -29.12 -9.81
C ALA B 38 18.28 -28.55 -8.46
N HIS B 39 17.31 -28.10 -7.66
CA HIS B 39 17.61 -27.57 -6.34
C HIS B 39 17.34 -28.65 -5.29
N GLY B 40 17.08 -29.88 -5.74
CA GLY B 40 17.15 -31.04 -4.88
C GLY B 40 15.84 -31.34 -4.16
N LEU B 41 14.75 -30.69 -4.59
CA LEU B 41 13.44 -30.96 -4.01
C LEU B 41 13.02 -32.39 -4.35
N THR B 42 12.32 -33.04 -3.41
CA THR B 42 11.85 -34.40 -3.59
C THR B 42 10.61 -34.40 -4.48
N ASP B 43 10.20 -35.60 -4.90
CA ASP B 43 9.03 -35.76 -5.75
C ASP B 43 7.77 -35.37 -4.96
N GLU B 44 7.75 -35.71 -3.68
CA GLU B 44 6.60 -35.41 -2.83
C GLU B 44 6.51 -33.90 -2.62
N GLN B 45 7.67 -33.26 -2.42
CA GLN B 45 7.73 -31.82 -2.25
C GLN B 45 7.23 -31.15 -3.53
N ILE B 46 7.68 -31.66 -4.68
CA ILE B 46 7.31 -31.11 -5.96
C ILE B 46 5.81 -31.30 -6.19
N ASN B 47 5.32 -32.51 -5.89
CA ASN B 47 3.90 -32.80 -6.01
C ASN B 47 3.10 -31.78 -5.20
N ALA B 48 3.57 -31.54 -3.97
CA ALA B 48 2.90 -30.62 -3.06
C ALA B 48 2.78 -29.23 -3.70
N VAL B 49 3.86 -28.79 -4.33
CA VAL B 49 3.90 -27.48 -4.97
C VAL B 49 2.93 -27.48 -6.16
N MET B 50 2.90 -28.58 -6.91
CA MET B 50 2.13 -28.62 -8.14
C MET B 50 0.64 -28.77 -7.83
N THR B 51 0.30 -29.32 -6.67
CA THR B 51 -1.09 -29.48 -6.29
C THR B 51 -1.54 -28.28 -5.45
N GLY B 52 -0.57 -27.46 -5.03
CA GLY B 52 -0.86 -26.27 -4.25
C GLY B 52 -1.26 -26.59 -2.82
N ASP B 53 -0.68 -27.68 -2.27
CA ASP B 53 -0.93 -28.07 -0.90
C ASP B 53 0.16 -27.48 0.00
N MET B 54 -0.11 -26.28 0.52
CA MET B 54 0.86 -25.58 1.36
C MET B 54 1.04 -26.31 2.68
N GLU B 55 -0.07 -26.82 3.23
CA GLU B 55 -0.04 -27.51 4.52
C GLU B 55 1.00 -28.62 4.49
N LYS B 56 1.02 -29.39 3.40
CA LYS B 56 1.91 -30.53 3.29
C LYS B 56 3.34 -30.03 3.12
N LEU B 57 3.49 -28.84 2.52
CA LEU B 57 4.81 -28.24 2.36
C LEU B 57 5.38 -27.89 3.73
N LYS B 58 4.53 -27.40 4.63
CA LYS B 58 4.95 -26.98 5.95
C LYS B 58 5.19 -28.21 6.84
N THR B 59 4.86 -29.39 6.30
CA THR B 59 5.20 -30.64 6.95
C THR B 59 6.51 -31.16 6.39
N LEU B 60 6.64 -31.10 5.06
CA LEU B 60 7.83 -31.58 4.38
C LEU B 60 8.96 -30.54 4.52
N GLY C 2 9.56 -12.08 -25.55
CA GLY C 2 9.19 -10.81 -24.89
C GLY C 2 8.28 -11.04 -23.69
N SER C 3 8.49 -10.24 -22.64
CA SER C 3 7.68 -10.29 -21.44
C SER C 3 7.62 -8.91 -20.79
N LEU C 4 6.70 -8.74 -19.85
CA LEU C 4 6.52 -7.46 -19.18
C LEU C 4 6.31 -7.67 -17.69
N VAL C 5 7.04 -6.89 -16.89
CA VAL C 5 6.83 -6.84 -15.46
C VAL C 5 6.83 -5.37 -15.04
N CYS C 6 5.73 -4.94 -14.43
CA CYS C 6 5.60 -3.59 -13.91
C CYS C 6 5.90 -3.60 -12.42
N VAL C 7 6.85 -2.77 -12.01
CA VAL C 7 7.23 -2.67 -10.60
C VAL C 7 7.03 -1.23 -10.14
N GLY C 8 7.01 -1.05 -8.81
CA GLY C 8 7.00 0.28 -8.22
C GLY C 8 8.30 0.51 -7.44
N THR C 9 8.69 1.77 -7.29
CA THR C 9 9.95 2.12 -6.65
C THR C 9 9.69 2.79 -5.30
N GLY C 10 8.42 2.86 -4.91
CA GLY C 10 8.04 3.56 -3.69
C GLY C 10 8.18 5.07 -3.87
N LEU C 11 8.09 5.81 -2.77
CA LEU C 11 8.16 7.26 -2.81
C LEU C 11 9.57 7.74 -2.47
N GLN C 12 10.19 7.11 -1.48
CA GLN C 12 11.53 7.49 -1.04
C GLN C 12 12.59 6.90 -1.99
N LEU C 13 13.72 7.61 -2.08
CA LEU C 13 14.81 7.26 -2.96
C LEU C 13 15.46 5.94 -2.54
N ALA C 14 15.51 5.00 -3.49
CA ALA C 14 16.42 3.87 -3.47
C ALA C 14 15.97 2.77 -2.52
N GLY C 15 15.46 3.15 -1.35
CA GLY C 15 15.31 2.20 -0.26
C GLY C 15 13.88 1.67 -0.10
N GLN C 16 12.92 2.26 -0.83
CA GLN C 16 11.52 1.94 -0.59
C GLN C 16 11.00 0.96 -1.63
N ILE C 17 11.87 0.55 -2.57
CA ILE C 17 11.53 -0.51 -3.50
C ILE C 17 11.73 -1.85 -2.80
N SER C 18 10.97 -2.86 -3.23
CA SER C 18 11.09 -4.19 -2.64
C SER C 18 12.34 -4.86 -3.20
N VAL C 19 12.82 -5.88 -2.48
CA VAL C 19 14.05 -6.58 -2.84
C VAL C 19 13.87 -7.24 -4.21
N LEU C 20 12.73 -7.92 -4.40
CA LEU C 20 12.45 -8.62 -5.63
C LEU C 20 12.37 -7.64 -6.79
N SER C 21 11.72 -6.49 -6.56
CA SER C 21 11.42 -5.54 -7.62
C SER C 21 12.71 -4.90 -8.13
N ARG C 22 13.63 -4.61 -7.21
CA ARG C 22 14.93 -4.09 -7.58
C ARG C 22 15.63 -5.10 -8.48
N SER C 23 15.53 -6.38 -8.11
CA SER C 23 16.18 -7.46 -8.84
C SER C 23 15.65 -7.54 -10.26
N TYR C 24 14.34 -7.33 -10.42
CA TYR C 24 13.73 -7.32 -11.74
C TYR C 24 14.35 -6.23 -12.60
N ILE C 25 14.56 -5.05 -12.00
CA ILE C 25 15.14 -3.92 -12.73
C ILE C 25 16.56 -4.27 -13.17
N GLU C 26 17.32 -4.89 -12.25
CA GLU C 26 18.71 -5.24 -12.51
C GLU C 26 18.82 -6.12 -13.75
N HIS C 27 17.93 -7.11 -13.86
CA HIS C 27 18.09 -8.18 -14.82
C HIS C 27 17.30 -7.92 -16.10
N ALA C 28 16.63 -6.76 -16.16
CA ALA C 28 15.84 -6.38 -17.32
C ALA C 28 16.74 -6.10 -18.52
N ASP C 29 16.23 -6.44 -19.72
CA ASP C 29 16.84 -6.02 -20.97
C ASP C 29 16.72 -4.52 -21.11
N ILE C 30 15.54 -4.00 -20.74
CA ILE C 30 15.22 -2.59 -20.92
C ILE C 30 14.26 -2.14 -19.83
N VAL C 31 14.36 -0.86 -19.45
CA VAL C 31 13.51 -0.30 -18.41
C VAL C 31 12.85 0.97 -18.93
N PHE C 32 11.53 1.07 -18.70
CA PHE C 32 10.79 2.30 -18.92
C PHE C 32 10.45 2.89 -17.55
N SER C 33 10.86 4.13 -17.33
CA SER C 33 10.82 4.73 -16.00
C SER C 33 9.83 5.90 -15.96
N LEU C 34 9.21 6.08 -14.80
CA LEU C 34 8.51 7.31 -14.47
C LEU C 34 8.73 7.60 -12.99
N LEU C 35 9.75 8.43 -12.70
CA LEU C 35 10.24 8.61 -11.34
C LEU C 35 10.07 10.06 -10.91
N PRO C 36 10.09 10.36 -9.60
CA PRO C 36 9.77 11.70 -9.09
C PRO C 36 10.77 12.80 -9.41
N ASP C 37 12.05 12.45 -9.55
CA ASP C 37 13.10 13.45 -9.67
C ASP C 37 14.35 12.85 -10.30
N GLY C 38 15.38 13.70 -10.47
CA GLY C 38 16.61 13.34 -11.15
C GLY C 38 17.53 12.50 -10.26
N PHE C 39 17.33 12.59 -8.94
CA PHE C 39 18.10 11.78 -8.00
C PHE C 39 17.68 10.32 -8.15
N SER C 40 16.37 10.10 -8.26
CA SER C 40 15.81 8.77 -8.42
C SER C 40 16.17 8.23 -9.80
N GLN C 41 16.30 9.14 -10.77
CA GLN C 41 16.61 8.77 -12.15
C GLN C 41 18.03 8.24 -12.24
N ARG C 42 18.96 8.94 -11.56
CA ARG C 42 20.35 8.55 -11.55
C ARG C 42 20.50 7.19 -10.88
N TRP C 43 19.83 7.02 -9.74
CA TRP C 43 19.84 5.76 -9.02
C TRP C 43 19.45 4.63 -9.96
N LEU C 44 18.40 4.85 -10.76
CA LEU C 44 17.89 3.83 -11.66
C LEU C 44 18.95 3.47 -12.70
N THR C 45 19.59 4.50 -13.27
CA THR C 45 20.49 4.31 -14.40
C THR C 45 21.70 3.48 -13.97
N LYS C 46 22.11 3.64 -12.70
CA LYS C 46 23.26 2.92 -12.19
C LYS C 46 22.89 1.47 -11.96
N LEU C 47 21.59 1.23 -11.72
CA LEU C 47 21.07 -0.11 -11.50
C LEU C 47 20.99 -0.85 -12.84
N ASN C 48 20.55 -0.13 -13.87
CA ASN C 48 20.41 -0.67 -15.22
C ASN C 48 20.49 0.48 -16.21
N PRO C 49 21.54 0.52 -17.06
CA PRO C 49 21.77 1.67 -17.94
C PRO C 49 20.78 1.81 -19.09
N ASN C 50 20.11 0.71 -19.46
CA ASN C 50 19.19 0.73 -20.58
C ASN C 50 17.82 1.22 -20.11
N VAL C 51 17.69 2.54 -20.01
CA VAL C 51 16.46 3.16 -19.52
C VAL C 51 15.88 4.05 -20.62
N ILE C 52 14.56 4.00 -20.77
CA ILE C 52 13.83 5.00 -21.54
C ILE C 52 12.87 5.71 -20.58
N ASN C 53 12.99 7.04 -20.53
CA ASN C 53 12.22 7.84 -19.59
C ASN C 53 10.88 8.22 -20.23
N LEU C 54 9.79 7.78 -19.58
CA LEU C 54 8.44 7.98 -20.10
C LEU C 54 8.05 9.45 -20.01
N GLN C 55 8.80 10.24 -19.25
CA GLN C 55 8.50 11.66 -19.08
C GLN C 55 8.40 12.33 -20.46
N GLN C 56 9.23 11.85 -21.40
CA GLN C 56 9.36 12.47 -22.70
C GLN C 56 8.00 12.55 -23.41
N PHE C 57 7.04 11.74 -22.96
CA PHE C 57 5.77 11.62 -23.66
C PHE C 57 4.76 12.63 -23.12
N TYR C 58 5.14 13.37 -22.07
CA TYR C 58 4.27 14.40 -21.53
C TYR C 58 4.34 15.63 -22.43
N ALA C 59 3.28 16.45 -22.39
CA ALA C 59 3.24 17.68 -23.16
C ALA C 59 4.56 18.41 -23.01
N GLN C 60 5.16 18.78 -24.15
CA GLN C 60 6.44 19.46 -24.16
C GLN C 60 6.28 20.83 -24.81
N ASN C 61 6.65 21.88 -24.08
CA ASN C 61 6.82 23.21 -24.67
C ASN C 61 5.48 23.93 -24.82
N GLY C 62 4.68 23.92 -23.74
CA GLY C 62 3.46 24.71 -23.70
C GLY C 62 2.37 24.13 -24.60
N GLU C 63 2.70 23.02 -25.25
CA GLU C 63 1.78 22.34 -26.16
C GLU C 63 0.53 21.89 -25.41
N VAL C 64 -0.62 22.00 -26.07
CA VAL C 64 -1.86 21.46 -25.56
C VAL C 64 -1.95 19.99 -25.97
N LYS C 65 -2.10 19.10 -24.98
CA LYS C 65 -2.13 17.68 -25.21
C LYS C 65 -2.98 17.00 -24.14
N ASN C 66 -3.95 16.18 -24.58
CA ASN C 66 -4.75 15.38 -23.68
C ASN C 66 -3.83 14.35 -23.02
N ARG C 67 -3.96 14.20 -21.70
CA ARG C 67 -3.06 13.36 -20.93
C ARG C 67 -3.35 11.89 -21.26
N ARG C 68 -4.51 11.64 -21.87
CA ARG C 68 -4.85 10.31 -22.33
C ARG C 68 -3.94 9.92 -23.49
N ASP C 69 -3.66 10.87 -24.37
CA ASP C 69 -2.79 10.65 -25.50
C ASP C 69 -1.37 10.34 -25.01
N THR C 70 -0.98 11.01 -23.92
CA THR C 70 0.33 10.79 -23.32
C THR C 70 0.44 9.33 -22.86
N TYR C 71 -0.61 8.87 -22.17
CA TYR C 71 -0.63 7.53 -21.59
C TYR C 71 -0.58 6.48 -22.71
N GLU C 72 -1.34 6.72 -23.77
CA GLU C 72 -1.40 5.82 -24.92
C GLU C 72 0.00 5.64 -25.51
N GLN C 73 0.74 6.75 -25.64
CA GLN C 73 2.06 6.73 -26.23
C GLN C 73 3.03 5.98 -25.33
N MET C 74 2.86 6.16 -24.01
CA MET C 74 3.66 5.43 -23.03
C MET C 74 3.41 3.94 -23.19
N VAL C 75 2.13 3.56 -23.22
CA VAL C 75 1.74 2.15 -23.27
C VAL C 75 2.33 1.54 -24.54
N ASN C 76 2.19 2.25 -25.66
CA ASN C 76 2.62 1.74 -26.95
C ASN C 76 4.14 1.57 -26.97
N ALA C 77 4.85 2.49 -26.31
CA ALA C 77 6.31 2.45 -26.28
C ALA C 77 6.77 1.22 -25.51
N ILE C 78 6.03 0.88 -24.44
CA ILE C 78 6.37 -0.26 -23.61
C ILE C 78 6.14 -1.54 -24.42
N LEU C 79 5.02 -1.60 -25.14
CA LEU C 79 4.63 -2.79 -25.87
C LEU C 79 5.59 -3.03 -27.04
N ASP C 80 6.13 -1.94 -27.63
CA ASP C 80 7.05 -2.06 -28.73
C ASP C 80 8.26 -2.90 -28.33
N ALA C 81 8.77 -2.68 -27.11
CA ALA C 81 9.93 -3.40 -26.63
C ALA C 81 9.57 -4.87 -26.39
N VAL C 82 8.35 -5.10 -25.88
CA VAL C 82 7.89 -6.44 -25.58
C VAL C 82 7.73 -7.22 -26.89
N ARG C 83 7.11 -6.56 -27.89
CA ARG C 83 6.84 -7.20 -29.17
C ARG C 83 8.15 -7.51 -29.89
N ALA C 84 9.18 -6.69 -29.64
CA ALA C 84 10.49 -6.90 -30.26
C ALA C 84 11.18 -8.10 -29.61
N GLY C 85 10.76 -8.46 -28.40
CA GLY C 85 11.23 -9.66 -27.74
C GLY C 85 12.09 -9.37 -26.52
N LYS C 86 12.04 -8.12 -26.04
CA LYS C 86 12.85 -7.72 -24.90
C LYS C 86 12.16 -8.11 -23.59
N LYS C 87 12.95 -8.62 -22.65
CA LYS C 87 12.50 -8.79 -21.28
C LYS C 87 12.37 -7.41 -20.65
N THR C 88 11.13 -6.88 -20.68
CA THR C 88 10.88 -5.47 -20.41
C THR C 88 10.37 -5.27 -18.99
N VAL C 89 10.86 -4.21 -18.33
CA VAL C 89 10.40 -3.84 -17.00
C VAL C 89 9.93 -2.39 -17.03
N CYS C 90 8.75 -2.15 -16.46
CA CYS C 90 8.24 -0.81 -16.27
C CYS C 90 8.37 -0.43 -14.80
N ALA C 91 9.10 0.66 -14.53
CA ALA C 91 9.35 1.11 -13.17
C ALA C 91 8.66 2.45 -12.92
N LEU C 92 7.55 2.41 -12.17
CA LEU C 92 6.82 3.60 -11.78
C LEU C 92 7.02 3.84 -10.28
N TYR C 93 6.89 5.12 -9.87
CA TYR C 93 7.07 5.48 -8.48
C TYR C 93 5.83 5.03 -7.69
N GLY C 94 6.04 4.73 -6.41
CA GLY C 94 4.99 4.21 -5.55
C GLY C 94 4.61 2.77 -5.93
N HIS C 95 3.30 2.52 -5.99
CA HIS C 95 2.75 1.25 -6.43
C HIS C 95 2.31 1.41 -7.88
N PRO C 96 2.75 0.51 -8.79
CA PRO C 96 2.58 0.74 -10.23
C PRO C 96 1.12 0.73 -10.70
N GLY C 97 0.23 0.23 -9.86
CA GLY C 97 -1.17 0.05 -10.23
C GLY C 97 -2.11 0.85 -9.32
N VAL C 98 -1.54 1.78 -8.54
CA VAL C 98 -2.35 2.61 -7.66
C VAL C 98 -2.47 4.00 -8.26
N PHE C 99 -3.68 4.34 -8.71
CA PHE C 99 -3.95 5.59 -9.41
C PHE C 99 -2.93 5.74 -10.54
N ALA C 100 -2.80 4.69 -11.35
CA ALA C 100 -1.89 4.67 -12.48
C ALA C 100 -2.40 3.68 -13.53
N CYS C 101 -2.77 4.21 -14.70
CA CYS C 101 -3.47 3.43 -15.72
C CYS C 101 -2.48 2.79 -16.68
N VAL C 102 -1.27 3.35 -16.76
CA VAL C 102 -0.33 2.98 -17.81
C VAL C 102 0.02 1.50 -17.67
N SER C 103 0.33 1.07 -16.46
CA SER C 103 0.75 -0.31 -16.22
C SER C 103 -0.40 -1.28 -16.48
N HIS C 104 -1.58 -0.95 -15.95
CA HIS C 104 -2.76 -1.80 -16.15
C HIS C 104 -3.01 -1.97 -17.64
N MET C 105 -2.89 -0.87 -18.40
CA MET C 105 -3.17 -0.87 -19.82
C MET C 105 -2.14 -1.71 -20.56
N ALA C 106 -0.87 -1.59 -20.16
CA ALA C 106 0.21 -2.29 -20.83
C ALA C 106 0.08 -3.78 -20.57
N ILE C 107 -0.34 -4.15 -19.35
CA ILE C 107 -0.48 -5.55 -18.98
C ILE C 107 -1.65 -6.16 -19.75
N THR C 108 -2.77 -5.41 -19.82
CA THR C 108 -3.95 -5.91 -20.53
C THR C 108 -3.60 -6.15 -21.99
N ARG C 109 -2.89 -5.20 -22.60
CA ARG C 109 -2.61 -5.25 -24.02
C ARG C 109 -1.59 -6.35 -24.31
N ALA C 110 -0.62 -6.50 -23.40
CA ALA C 110 0.42 -7.51 -23.55
C ALA C 110 -0.19 -8.90 -23.49
N LYS C 111 -1.08 -9.12 -22.51
CA LYS C 111 -1.73 -10.40 -22.33
C LYS C 111 -2.51 -10.78 -23.58
N ALA C 112 -3.14 -9.77 -24.21
CA ALA C 112 -4.04 -10.01 -25.33
C ALA C 112 -3.26 -10.37 -26.59
N GLU C 113 -1.98 -9.97 -26.64
CA GLU C 113 -1.13 -10.29 -27.77
C GLU C 113 -0.29 -11.54 -27.45
N GLY C 114 -0.61 -12.19 -26.33
CA GLY C 114 -0.05 -13.49 -26.01
C GLY C 114 1.32 -13.38 -25.35
N PHE C 115 1.57 -12.28 -24.66
CA PHE C 115 2.83 -12.10 -23.95
C PHE C 115 2.61 -12.29 -22.45
N SER C 116 3.66 -12.80 -21.78
CA SER C 116 3.67 -12.88 -20.33
C SER C 116 3.78 -11.47 -19.74
N ALA C 117 2.85 -11.14 -18.84
CA ALA C 117 2.84 -9.83 -18.21
C ALA C 117 2.29 -9.95 -16.78
N LYS C 118 2.90 -9.21 -15.85
CA LYS C 118 2.47 -9.23 -14.46
C LYS C 118 2.84 -7.92 -13.78
N MET C 119 2.22 -7.68 -12.62
CA MET C 119 2.45 -6.49 -11.84
C MET C 119 2.88 -6.91 -10.43
N GLU C 120 3.98 -6.31 -9.97
CA GLU C 120 4.45 -6.50 -8.60
C GLU C 120 4.00 -5.31 -7.77
N PRO C 121 3.38 -5.53 -6.59
CA PRO C 121 2.93 -4.44 -5.75
C PRO C 121 4.08 -3.62 -5.18
N GLY C 122 3.82 -2.32 -4.96
CA GLY C 122 4.80 -1.41 -4.38
C GLY C 122 4.19 -0.61 -3.24
N ILE C 123 5.00 0.28 -2.65
CA ILE C 123 4.56 1.10 -1.54
C ILE C 123 4.03 2.43 -2.09
N SER C 124 2.74 2.69 -1.83
CA SER C 124 2.04 3.82 -2.41
C SER C 124 2.02 5.00 -1.46
N ALA C 125 1.55 6.15 -1.97
CA ALA C 125 1.44 7.37 -1.18
C ALA C 125 0.49 7.15 -0.01
N GLU C 126 -0.54 6.33 -0.25
CA GLU C 126 -1.49 5.94 0.78
C GLU C 126 -0.75 5.23 1.92
N ALA C 127 0.12 4.28 1.53
CA ALA C 127 0.87 3.50 2.49
C ALA C 127 1.75 4.42 3.34
N CYS C 128 2.34 5.42 2.69
CA CYS C 128 3.21 6.37 3.36
C CYS C 128 2.40 7.21 4.36
N LEU C 129 1.16 7.53 3.97
CA LEU C 129 0.33 8.44 4.75
C LEU C 129 0.01 7.81 6.11
N TRP C 130 -0.43 6.55 6.11
CA TRP C 130 -0.75 5.84 7.34
C TRP C 130 0.44 5.94 8.31
N ALA C 131 1.65 5.76 7.77
CA ALA C 131 2.86 5.72 8.57
C ALA C 131 3.20 7.11 9.10
N ASP C 132 3.12 8.12 8.23
CA ASP C 132 3.56 9.46 8.55
C ASP C 132 2.63 10.11 9.57
N LEU C 133 1.34 9.83 9.46
CA LEU C 133 0.34 10.49 10.28
C LEU C 133 -0.08 9.59 11.44
N GLY C 134 0.54 8.41 11.54
CA GLY C 134 0.23 7.46 12.60
C GLY C 134 -1.25 7.12 12.63
N ILE C 135 -1.80 6.83 11.44
CA ILE C 135 -3.20 6.45 11.30
C ILE C 135 -3.30 5.03 10.78
N ASP C 136 -4.13 4.21 11.43
CA ASP C 136 -4.45 2.89 10.93
C ASP C 136 -5.78 2.96 10.17
N PRO C 137 -5.80 2.64 8.86
CA PRO C 137 -7.02 2.73 8.06
C PRO C 137 -8.14 1.82 8.55
N GLY C 138 -7.78 0.86 9.42
CA GLY C 138 -8.74 -0.08 9.97
C GLY C 138 -9.50 0.51 11.15
N ASN C 139 -8.92 1.55 11.76
CA ASN C 139 -9.48 2.15 12.97
C ASN C 139 -10.94 2.49 12.74
N SER C 140 -11.21 3.33 11.73
CA SER C 140 -12.57 3.71 11.39
C SER C 140 -12.81 3.53 9.89
N GLY C 141 -11.89 2.82 9.23
CA GLY C 141 -11.99 2.57 7.80
C GLY C 141 -11.42 3.72 6.99
N HIS C 142 -11.36 3.56 5.67
CA HIS C 142 -10.92 4.66 4.81
C HIS C 142 -11.54 4.53 3.41
N GLN C 143 -11.52 5.67 2.71
CA GLN C 143 -12.05 5.80 1.37
C GLN C 143 -11.06 6.61 0.53
N SER C 144 -10.90 6.22 -0.73
CA SER C 144 -10.07 6.97 -1.67
C SER C 144 -10.85 7.28 -2.94
N PHE C 145 -10.72 8.53 -3.40
CA PHE C 145 -11.31 8.95 -4.66
C PHE C 145 -10.38 9.94 -5.35
N GLU C 146 -10.34 9.88 -6.69
CA GLU C 146 -9.70 10.91 -7.47
C GLU C 146 -10.57 12.17 -7.38
N ALA C 147 -9.94 13.31 -7.06
CA ALA C 147 -10.67 14.51 -6.72
C ALA C 147 -11.64 14.90 -7.83
N SER C 148 -11.16 14.90 -9.08
CA SER C 148 -11.97 15.32 -10.21
C SER C 148 -13.15 14.38 -10.40
N GLN C 149 -12.90 13.06 -10.31
CA GLN C 149 -13.95 12.07 -10.49
C GLN C 149 -15.01 12.26 -9.43
N PHE C 150 -14.58 12.70 -8.23
CA PHE C 150 -15.49 12.94 -7.13
C PHE C 150 -16.45 14.06 -7.49
N MET C 151 -15.99 14.98 -8.34
CA MET C 151 -16.75 16.16 -8.70
C MET C 151 -17.64 15.88 -9.91
N PHE C 152 -17.12 15.08 -10.85
CA PHE C 152 -17.75 14.91 -12.15
C PHE C 152 -18.81 13.81 -12.09
N PHE C 153 -18.65 12.87 -11.15
CA PHE C 153 -19.55 11.75 -11.04
C PHE C 153 -20.13 11.69 -9.63
N ASN C 154 -21.07 10.78 -9.41
CA ASN C 154 -21.79 10.71 -8.15
C ASN C 154 -21.06 9.76 -7.20
N HIS C 155 -20.46 10.35 -6.16
CA HIS C 155 -19.77 9.62 -5.11
C HIS C 155 -20.21 10.18 -3.76
N VAL C 156 -20.55 9.29 -2.82
CA VAL C 156 -20.99 9.68 -1.50
C VAL C 156 -20.02 9.13 -0.47
N PRO C 157 -19.30 9.99 0.28
CA PRO C 157 -18.34 9.54 1.27
C PRO C 157 -19.01 9.17 2.59
N ASP C 158 -18.41 8.22 3.31
CA ASP C 158 -18.83 7.90 4.67
C ASP C 158 -18.07 8.82 5.63
N PRO C 159 -18.77 9.76 6.30
CA PRO C 159 -18.09 10.79 7.09
C PRO C 159 -17.55 10.33 8.44
N THR C 160 -17.64 9.02 8.72
CA THR C 160 -17.03 8.45 9.90
C THR C 160 -15.63 7.94 9.58
N THR C 161 -15.29 7.90 8.28
CA THR C 161 -14.04 7.29 7.85
C THR C 161 -13.05 8.37 7.43
N HIS C 162 -11.77 7.98 7.34
CA HIS C 162 -10.74 8.81 6.74
C HIS C 162 -10.93 8.82 5.22
N LEU C 163 -11.14 10.03 4.68
CA LEU C 163 -11.35 10.21 3.26
C LEU C 163 -10.09 10.79 2.61
N LEU C 164 -9.66 10.20 1.50
CA LEU C 164 -8.56 10.71 0.71
C LEU C 164 -9.07 11.16 -0.66
N LEU C 165 -8.68 12.37 -1.06
CA LEU C 165 -8.88 12.83 -2.42
C LEU C 165 -7.52 12.98 -3.09
N TRP C 166 -7.26 12.11 -4.08
CA TRP C 166 -6.01 12.12 -4.80
C TRP C 166 -6.07 13.14 -5.93
N GLN C 167 -4.89 13.62 -6.36
CA GLN C 167 -4.78 14.55 -7.48
C GLN C 167 -5.63 15.79 -7.22
N ILE C 168 -5.53 16.33 -6.01
CA ILE C 168 -6.36 17.45 -5.57
C ILE C 168 -5.94 18.72 -6.34
N ALA C 169 -4.72 18.72 -6.87
CA ALA C 169 -4.16 19.91 -7.49
C ALA C 169 -4.85 20.20 -8.83
N ILE C 170 -5.46 19.18 -9.43
CA ILE C 170 -6.13 19.34 -10.72
C ILE C 170 -7.62 19.10 -10.55
N ALA C 171 -8.11 19.23 -9.32
CA ALA C 171 -9.52 18.99 -9.04
C ALA C 171 -10.37 19.93 -9.91
N GLY C 172 -11.15 19.33 -10.82
CA GLY C 172 -12.11 20.07 -11.61
C GLY C 172 -11.52 20.54 -12.94
N GLU C 173 -10.26 20.15 -13.19
CA GLU C 173 -9.60 20.45 -14.45
C GLU C 173 -10.03 19.40 -15.48
N HIS C 174 -11.11 19.70 -16.20
CA HIS C 174 -11.88 18.70 -16.93
C HIS C 174 -11.21 18.34 -18.26
N THR C 175 -10.28 19.18 -18.73
CA THR C 175 -9.75 19.00 -20.08
C THR C 175 -8.60 17.99 -20.07
N LEU C 176 -7.95 17.84 -18.92
CA LEU C 176 -6.81 16.94 -18.78
C LEU C 176 -5.64 17.45 -19.62
N THR C 177 -5.49 18.79 -19.71
CA THR C 177 -4.41 19.38 -20.48
C THR C 177 -3.61 20.33 -19.59
N GLN C 178 -4.11 20.63 -18.40
CA GLN C 178 -3.46 21.55 -17.49
C GLN C 178 -2.84 20.77 -16.34
N PHE C 179 -1.86 21.38 -15.67
CA PHE C 179 -1.13 20.74 -14.59
C PHE C 179 -1.65 21.23 -13.24
N HIS C 180 -2.62 22.16 -13.26
CA HIS C 180 -3.22 22.65 -12.03
C HIS C 180 -4.61 23.20 -12.31
N THR C 181 -5.43 23.27 -11.26
CA THR C 181 -6.78 23.80 -11.38
C THR C 181 -6.79 25.25 -10.88
N SER C 182 -7.99 25.80 -10.68
CA SER C 182 -8.14 27.17 -10.22
C SER C 182 -8.76 27.19 -8.83
N SER C 183 -8.72 28.35 -8.18
CA SER C 183 -9.25 28.50 -6.82
C SER C 183 -10.77 28.41 -6.85
N ASP C 184 -11.38 28.76 -7.98
CA ASP C 184 -12.82 28.73 -8.13
C ASP C 184 -13.30 27.28 -8.18
N ARG C 185 -12.55 26.43 -8.89
CA ARG C 185 -12.85 25.01 -8.96
C ARG C 185 -12.79 24.41 -7.56
N LEU C 186 -11.81 24.86 -6.77
CA LEU C 186 -11.59 24.33 -5.44
C LEU C 186 -12.70 24.83 -4.50
N GLN C 187 -13.23 26.02 -4.79
CA GLN C 187 -14.31 26.59 -3.99
C GLN C 187 -15.58 25.77 -4.20
N ILE C 188 -15.79 25.32 -5.45
CA ILE C 188 -16.95 24.51 -5.77
C ILE C 188 -16.83 23.16 -5.06
N LEU C 189 -15.59 22.66 -4.94
CA LEU C 189 -15.34 21.39 -4.27
C LEU C 189 -15.64 21.53 -2.78
N VAL C 190 -15.32 22.68 -2.21
CA VAL C 190 -15.56 22.94 -0.80
C VAL C 190 -17.07 22.95 -0.56
N GLU C 191 -17.81 23.61 -1.44
CA GLU C 191 -19.26 23.69 -1.33
C GLU C 191 -19.84 22.27 -1.39
N GLN C 192 -19.32 21.47 -2.32
CA GLN C 192 -19.78 20.09 -2.50
C GLN C 192 -19.54 19.30 -1.22
N LEU C 193 -18.33 19.43 -0.67
CA LEU C 193 -17.92 18.68 0.51
C LEU C 193 -18.74 19.13 1.72
N ASN C 194 -19.27 20.35 1.67
CA ASN C 194 -19.99 20.94 2.79
C ASN C 194 -21.26 20.15 3.07
N GLN C 195 -21.58 19.20 2.17
CA GLN C 195 -22.72 18.32 2.37
C GLN C 195 -22.50 17.44 3.58
N TRP C 196 -21.22 17.16 3.89
CA TRP C 196 -20.88 16.21 4.94
C TRP C 196 -19.88 16.81 5.92
N TYR C 197 -19.16 17.86 5.50
CA TYR C 197 -18.08 18.41 6.30
C TYR C 197 -18.27 19.92 6.47
N PRO C 198 -18.30 20.43 7.72
CA PRO C 198 -18.39 21.87 7.96
C PRO C 198 -17.19 22.63 7.42
N LEU C 199 -17.36 23.95 7.24
CA LEU C 199 -16.37 24.78 6.59
C LEU C 199 -15.11 24.88 7.46
N ASP C 200 -15.28 24.67 8.77
CA ASP C 200 -14.18 24.82 9.72
C ASP C 200 -13.58 23.45 10.06
N HIS C 201 -13.97 22.42 9.31
CA HIS C 201 -13.43 21.07 9.51
C HIS C 201 -11.96 21.07 9.11
N GLU C 202 -11.11 20.53 10.00
CA GLU C 202 -9.68 20.49 9.77
C GLU C 202 -9.37 19.38 8.76
N VAL C 203 -8.73 19.77 7.65
CA VAL C 203 -8.24 18.81 6.67
C VAL C 203 -6.71 18.90 6.63
N VAL C 204 -6.08 17.95 5.94
CA VAL C 204 -4.63 17.87 5.91
C VAL C 204 -4.15 17.71 4.48
N ILE C 205 -3.28 18.63 4.04
CA ILE C 205 -2.57 18.48 2.78
C ILE C 205 -1.29 17.70 3.06
N TYR C 206 -1.22 16.49 2.49
CA TYR C 206 -0.11 15.58 2.77
C TYR C 206 0.74 15.39 1.52
N GLU C 207 2.06 15.39 1.73
CA GLU C 207 3.03 15.04 0.70
C GLU C 207 4.12 14.19 1.33
N ALA C 208 4.17 12.90 0.95
CA ALA C 208 5.25 12.03 1.35
C ALA C 208 6.57 12.55 0.77
N ALA C 209 7.65 12.39 1.54
CA ALA C 209 8.98 12.82 1.11
C ALA C 209 9.51 11.88 0.02
N ASN C 210 10.30 12.44 -0.91
CA ASN C 210 10.92 11.66 -1.97
C ASN C 210 12.41 11.47 -1.68
N LEU C 211 12.95 12.29 -0.77
CA LEU C 211 14.37 12.23 -0.45
C LEU C 211 14.56 11.91 1.03
N PRO C 212 15.66 11.22 1.39
CA PRO C 212 15.90 10.79 2.77
C PRO C 212 16.18 11.93 3.74
N ILE C 213 16.48 13.12 3.21
CA ILE C 213 16.81 14.27 4.04
C ILE C 213 15.60 15.20 4.12
N GLN C 214 14.45 14.74 3.61
CA GLN C 214 13.28 15.58 3.46
C GLN C 214 12.19 15.14 4.43
N ALA C 215 11.55 16.13 5.06
CA ALA C 215 10.41 15.88 5.94
C ALA C 215 9.13 15.87 5.10
N PRO C 216 8.10 15.08 5.49
CA PRO C 216 6.84 15.08 4.76
C PRO C 216 6.10 16.39 4.98
N ARG C 217 5.23 16.75 4.02
CA ARG C 217 4.33 17.87 4.21
C ARG C 217 3.07 17.35 4.90
N ILE C 218 2.81 17.89 6.10
CA ILE C 218 1.60 17.57 6.84
C ILE C 218 0.99 18.89 7.30
N GLU C 219 0.29 19.55 6.36
CA GLU C 219 -0.20 20.90 6.57
C GLU C 219 -1.69 20.86 6.90
N ARG C 220 -2.03 21.28 8.13
CA ARG C 220 -3.39 21.27 8.61
C ARG C 220 -4.03 22.64 8.41
N LEU C 221 -5.28 22.66 7.93
CA LEU C 221 -6.00 23.89 7.69
C LEU C 221 -7.50 23.60 7.72
N PRO C 222 -8.36 24.62 7.96
CA PRO C 222 -9.80 24.45 7.82
C PRO C 222 -10.15 24.26 6.35
N LEU C 223 -11.18 23.43 6.10
CA LEU C 223 -11.61 23.12 4.75
C LEU C 223 -11.84 24.40 3.95
N ALA C 224 -12.34 25.44 4.62
CA ALA C 224 -12.73 26.67 3.95
C ALA C 224 -11.53 27.33 3.29
N ASN C 225 -10.32 27.00 3.76
CA ASN C 225 -9.11 27.69 3.32
C ASN C 225 -8.45 26.93 2.16
N LEU C 226 -9.04 25.80 1.77
CA LEU C 226 -8.41 24.93 0.78
C LEU C 226 -8.13 25.72 -0.50
N PRO C 227 -9.11 26.49 -1.02
CA PRO C 227 -8.95 27.20 -2.30
C PRO C 227 -7.74 28.14 -2.38
N GLN C 228 -7.22 28.55 -1.21
CA GLN C 228 -6.12 29.50 -1.16
C GLN C 228 -4.80 28.76 -0.92
N ALA C 229 -4.89 27.44 -0.73
CA ALA C 229 -3.73 26.66 -0.33
C ALA C 229 -2.77 26.49 -1.51
N HIS C 230 -1.50 26.23 -1.19
CA HIS C 230 -0.47 25.97 -2.20
C HIS C 230 -0.39 24.47 -2.44
N LEU C 231 -0.93 24.02 -3.58
CA LEU C 231 -1.03 22.60 -3.88
C LEU C 231 -0.01 22.24 -4.95
N MET C 232 0.50 21.01 -4.89
CA MET C 232 1.45 20.49 -5.85
C MET C 232 0.86 19.25 -6.52
N PRO C 233 1.38 18.83 -7.69
CA PRO C 233 0.91 17.60 -8.34
C PRO C 233 0.96 16.39 -7.41
N ILE C 234 1.88 16.42 -6.43
CA ILE C 234 2.12 15.26 -5.58
C ILE C 234 1.25 15.34 -4.32
N SER C 235 0.43 16.40 -4.21
CA SER C 235 -0.37 16.61 -3.02
C SER C 235 -1.56 15.65 -2.98
N THR C 236 -1.82 15.10 -1.79
CA THR C 236 -3.05 14.36 -1.53
C THR C 236 -3.77 15.02 -0.35
N LEU C 237 -5.10 15.11 -0.45
CA LEU C 237 -5.90 15.75 0.58
C LEU C 237 -6.50 14.69 1.49
N LEU C 238 -6.21 14.80 2.79
CA LEU C 238 -6.78 13.92 3.80
C LEU C 238 -7.90 14.66 4.53
N ILE C 239 -9.08 14.05 4.57
CA ILE C 239 -10.22 14.61 5.28
C ILE C 239 -10.61 13.64 6.40
N PRO C 240 -10.16 13.91 7.65
CA PRO C 240 -10.47 13.04 8.79
C PRO C 240 -11.98 12.93 9.02
N PRO C 241 -12.43 11.94 9.81
CA PRO C 241 -13.86 11.77 10.12
C PRO C 241 -14.49 13.05 10.66
N ALA C 242 -15.75 13.30 10.27
CA ALA C 242 -16.50 14.44 10.76
C ALA C 242 -17.51 13.97 11.81
N LYS C 243 -17.66 12.65 11.95
CA LYS C 243 -18.63 12.09 12.88
C LYS C 243 -18.01 10.89 13.60
N LYS C 244 -18.42 10.71 14.86
CA LYS C 244 -18.11 9.50 15.60
C LYS C 244 -19.10 8.42 15.18
N LEU C 245 -18.66 7.15 15.29
CA LEU C 245 -19.47 6.01 14.87
C LEU C 245 -20.74 5.94 15.69
N GLU C 246 -21.84 5.55 15.04
CA GLU C 246 -23.11 5.32 15.71
C GLU C 246 -23.44 3.84 15.68
N TYR C 247 -24.03 3.34 16.77
CA TYR C 247 -24.30 1.91 16.92
C TYR C 247 -25.33 1.47 15.90
N ASN C 248 -25.15 0.25 15.40
CA ASN C 248 -26.04 -0.33 14.41
C ASN C 248 -27.00 -1.28 15.13
N TYR C 249 -27.99 -0.72 15.81
CA TYR C 249 -28.81 -1.45 16.76
C TYR C 249 -29.52 -2.62 16.06
N ALA C 250 -29.90 -2.41 14.80
CA ALA C 250 -30.60 -3.44 14.03
C ALA C 250 -29.79 -4.72 14.02
N ILE C 251 -28.51 -4.61 13.64
CA ILE C 251 -27.65 -5.75 13.43
C ILE C 251 -27.22 -6.32 14.79
N LEU C 252 -26.86 -5.43 15.73
CA LEU C 252 -26.45 -5.84 17.05
C LEU C 252 -27.55 -6.74 17.63
N ALA C 253 -28.81 -6.37 17.39
CA ALA C 253 -29.94 -7.11 17.93
C ALA C 253 -30.01 -8.50 17.30
N LYS C 254 -29.79 -8.56 15.97
CA LYS C 254 -29.81 -9.84 15.26
C LYS C 254 -28.65 -10.70 15.77
N LEU C 255 -27.53 -10.05 16.11
CA LEU C 255 -26.37 -10.74 16.62
C LEU C 255 -26.62 -11.14 18.07
N GLY C 256 -27.60 -10.47 18.70
CA GLY C 256 -27.95 -10.74 20.08
C GLY C 256 -26.92 -10.16 21.04
N ILE C 257 -26.43 -8.95 20.71
CA ILE C 257 -25.43 -8.27 21.51
C ILE C 257 -25.79 -6.79 21.61
N GLY C 258 -24.95 -6.03 22.31
CA GLY C 258 -25.14 -4.61 22.47
C GLY C 258 -23.81 -3.90 22.75
N PRO C 259 -23.83 -2.56 22.92
CA PRO C 259 -22.60 -1.79 23.13
C PRO C 259 -21.71 -2.33 24.24
N GLU C 260 -22.33 -2.63 25.39
CA GLU C 260 -21.59 -3.05 26.57
C GLU C 260 -21.07 -4.47 26.36
N ASP C 261 -21.60 -5.15 25.34
CA ASP C 261 -21.23 -6.53 25.05
C ASP C 261 -20.10 -6.57 24.02
N LEU C 262 -19.69 -5.40 23.54
CA LEU C 262 -18.60 -5.31 22.57
C LEU C 262 -17.27 -5.45 23.32
N GLY C 263 -16.64 -6.62 23.16
CA GLY C 263 -15.42 -6.95 23.89
C GLY C 263 -14.20 -6.31 23.26
N LEU D 11 26.62 14.37 -3.88
CA LEU D 11 25.29 14.71 -3.31
C LEU D 11 24.32 13.58 -3.65
N SER D 12 24.24 13.24 -4.93
CA SER D 12 23.35 12.17 -5.40
C SER D 12 23.80 10.83 -4.84
N ASP D 13 25.12 10.63 -4.79
CA ASP D 13 25.70 9.39 -4.27
C ASP D 13 25.34 9.24 -2.81
N PHE D 14 25.46 10.34 -2.05
CA PHE D 14 25.15 10.36 -0.63
C PHE D 14 23.71 9.93 -0.42
N PHE D 15 22.79 10.58 -1.14
CA PHE D 15 21.36 10.40 -0.91
C PHE D 15 20.98 8.94 -1.21
N THR D 16 21.56 8.36 -2.27
CA THR D 16 21.25 6.99 -2.64
C THR D 16 21.66 6.05 -1.51
N GLN D 17 22.85 6.28 -0.94
CA GLN D 17 23.35 5.47 0.16
C GLN D 17 22.44 5.62 1.37
N LEU D 18 22.12 6.87 1.70
CA LEU D 18 21.40 7.22 2.91
C LEU D 18 20.02 6.55 2.91
N GLY D 19 19.39 6.49 1.74
CA GLY D 19 18.05 5.96 1.62
C GLY D 19 18.02 4.44 1.77
N GLN D 20 19.16 3.80 1.47
CA GLN D 20 19.26 2.35 1.40
C GLN D 20 19.77 1.76 2.72
N ASP D 21 20.59 2.53 3.43
CA ASP D 21 21.43 2.00 4.50
C ASP D 21 20.93 2.51 5.85
N ALA D 22 20.37 1.61 6.65
CA ALA D 22 19.71 1.96 7.91
C ALA D 22 20.73 2.42 8.93
N GLN D 23 21.96 1.90 8.83
CA GLN D 23 23.03 2.27 9.73
C GLN D 23 23.37 3.75 9.50
N LEU D 24 23.57 4.09 8.22
CA LEU D 24 23.87 5.47 7.84
C LEU D 24 22.69 6.37 8.18
N MET D 25 21.47 5.86 7.95
CA MET D 25 20.26 6.61 8.24
C MET D 25 20.24 7.00 9.73
N GLU D 26 20.53 6.03 10.59
CA GLU D 26 20.47 6.24 12.03
C GLU D 26 21.61 7.19 12.45
N ASP D 27 22.77 7.04 11.82
CA ASP D 27 23.88 7.95 12.04
C ASP D 27 23.42 9.36 11.70
N TYR D 28 22.80 9.49 10.53
CA TYR D 28 22.40 10.79 10.01
C TYR D 28 21.46 11.49 10.99
N LYS D 29 20.43 10.76 11.45
CA LYS D 29 19.40 11.38 12.28
C LYS D 29 19.99 11.78 13.62
N GLN D 30 21.08 11.11 14.02
CA GLN D 30 21.79 11.45 15.25
C GLN D 30 22.46 12.81 15.09
N ASN D 31 23.16 13.01 13.96
CA ASN D 31 23.94 14.21 13.75
C ASN D 31 23.99 14.52 12.25
N PRO D 32 22.90 15.10 11.68
CA PRO D 32 22.82 15.38 10.25
C PRO D 32 24.02 16.14 9.66
N GLU D 33 24.43 17.23 10.31
CA GLU D 33 25.48 18.09 9.75
C GLU D 33 26.82 17.35 9.76
N ALA D 34 27.10 16.63 10.87
CA ALA D 34 28.36 15.91 11.00
C ALA D 34 28.47 14.86 9.89
N VAL D 35 27.38 14.13 9.66
CA VAL D 35 27.36 13.06 8.67
C VAL D 35 27.49 13.68 7.28
N MET D 36 26.82 14.82 7.06
CA MET D 36 26.81 15.45 5.76
C MET D 36 28.22 15.98 5.42
N ARG D 37 28.85 16.67 6.39
CA ARG D 37 30.19 17.19 6.18
C ARG D 37 31.15 16.03 5.93
N ALA D 38 30.90 14.90 6.59
CA ALA D 38 31.75 13.73 6.47
C ALA D 38 31.68 13.15 5.06
N HIS D 39 30.57 13.44 4.36
CA HIS D 39 30.40 12.96 2.99
C HIS D 39 30.69 14.07 2.00
N GLY D 40 31.19 15.20 2.50
CA GLY D 40 31.81 16.23 1.67
C GLY D 40 30.79 17.22 1.10
N LEU D 41 29.58 17.25 1.68
CA LEU D 41 28.55 18.17 1.23
C LEU D 41 28.98 19.60 1.58
N THR D 42 28.70 20.54 0.67
CA THR D 42 29.07 21.94 0.85
C THR D 42 28.16 22.57 1.89
N ASP D 43 28.55 23.77 2.34
CA ASP D 43 27.75 24.55 3.27
C ASP D 43 26.42 24.92 2.61
N GLU D 44 26.48 25.25 1.32
CA GLU D 44 25.28 25.64 0.58
C GLU D 44 24.32 24.44 0.51
N GLN D 45 24.87 23.26 0.23
CA GLN D 45 24.07 22.05 0.13
C GLN D 45 23.45 21.73 1.48
N ILE D 46 24.25 21.84 2.54
CA ILE D 46 23.79 21.52 3.89
C ILE D 46 22.71 22.52 4.30
N ASN D 47 22.92 23.80 3.98
CA ASN D 47 21.96 24.84 4.27
C ASN D 47 20.60 24.49 3.66
N ALA D 48 20.64 24.07 2.39
CA ALA D 48 19.42 23.76 1.65
C ALA D 48 18.70 22.60 2.33
N VAL D 49 19.46 21.60 2.81
CA VAL D 49 18.89 20.46 3.49
C VAL D 49 18.21 20.94 4.77
N MET D 50 18.89 21.83 5.51
CA MET D 50 18.42 22.23 6.83
C MET D 50 17.22 23.17 6.71
N THR D 51 17.11 23.89 5.59
CA THR D 51 15.99 24.78 5.37
C THR D 51 14.87 24.05 4.65
N GLY D 52 15.15 22.82 4.21
CA GLY D 52 14.17 22.01 3.51
C GLY D 52 13.81 22.60 2.15
N ASP D 53 14.83 23.13 1.44
CA ASP D 53 14.62 23.69 0.12
C ASP D 53 15.05 22.64 -0.92
N MET D 54 14.09 21.82 -1.34
CA MET D 54 14.35 20.73 -2.27
C MET D 54 14.75 21.30 -3.64
N GLU D 55 14.07 22.37 -4.05
CA GLU D 55 14.33 23.01 -5.33
C GLU D 55 15.82 23.31 -5.45
N LYS D 56 16.38 23.91 -4.39
CA LYS D 56 17.78 24.35 -4.39
C LYS D 56 18.70 23.15 -4.48
N LEU D 57 18.30 22.03 -3.85
CA LEU D 57 19.10 20.82 -3.84
C LEU D 57 19.28 20.31 -5.27
N LYS D 58 18.20 20.39 -6.05
CA LYS D 58 18.20 19.85 -7.40
C LYS D 58 19.01 20.77 -8.31
N THR D 59 19.13 22.03 -7.90
CA THR D 59 19.97 23.01 -8.59
C THR D 59 21.43 22.67 -8.33
N LEU D 60 21.73 22.25 -7.09
CA LEU D 60 23.09 21.99 -6.68
C LEU D 60 23.49 20.56 -7.03
N SER D 61 22.89 20.02 -8.10
CA SER D 61 23.35 18.76 -8.68
C SER D 61 23.24 18.82 -10.19
N GLY D 62 22.45 19.78 -10.70
CA GLY D 62 22.36 20.03 -12.12
C GLY D 62 21.14 19.37 -12.75
N ASP D 63 19.96 19.67 -12.18
CA ASP D 63 18.71 19.12 -12.68
C ASP D 63 17.71 20.27 -12.87
N SAH E . -0.86 -5.64 8.40
CA SAH E . -1.56 -6.59 7.50
CB SAH E . -3.02 -6.77 7.93
CG SAH E . -3.19 -7.67 9.15
SD SAH E . -4.89 -7.70 9.77
C SAH E . -1.50 -6.05 6.06
O SAH E . -0.71 -5.11 5.85
OXT SAH E . -2.22 -6.59 5.21
C5' SAH E . -5.38 -9.32 9.12
C4' SAH E . -6.25 -9.17 7.90
O4' SAH E . -5.45 -8.72 6.80
C3' SAH E . -6.92 -10.43 7.39
O3' SAH E . -8.10 -10.74 8.13
C2' SAH E . -7.20 -10.02 5.94
O2' SAH E . -8.31 -9.16 5.83
C1' SAH E . -5.90 -9.32 5.60
N9 SAH E . -4.87 -10.23 5.11
C8 SAH E . -3.79 -10.71 5.83
N7 SAH E . -3.06 -11.53 5.13
C5 SAH E . -3.68 -11.61 3.90
C6 SAH E . -3.38 -12.34 2.73
N6 SAH E . -2.34 -13.14 2.61
N1 SAH E . -4.23 -12.19 1.67
C2 SAH E . -5.28 -11.38 1.80
N3 SAH E . -5.66 -10.65 2.86
C4 SAH E . -4.81 -10.82 3.89
C1 GOL F . -2.93 -11.40 12.13
O1 GOL F . -1.76 -10.63 12.36
C2 GOL F . -3.58 -11.83 13.43
O2 GOL F . -4.07 -10.69 14.13
C3 GOL F . -4.71 -12.82 13.23
O3 GOL F . -5.44 -13.03 14.43
ZN ZN G . -6.75 1.89 0.41
N SAM H . 1.27 5.36 -8.13
CA SAM H . 1.34 6.53 -7.21
C SAM H . 1.28 6.02 -5.77
O SAM H . 1.52 4.81 -5.58
OXT SAM H . 0.99 6.85 -4.87
CB SAM H . 0.21 7.51 -7.49
CG SAM H . 0.39 8.31 -8.78
SD SAM H . -1.09 9.28 -9.20
CE SAM H . -0.94 9.46 -10.96
C5' SAM H . -0.55 10.90 -8.60
C4' SAM H . -1.23 11.23 -7.29
O4' SAM H . -0.72 10.36 -6.26
C3' SAM H . -1.02 12.64 -6.75
O3' SAM H . -1.93 13.56 -7.34
C2' SAM H . -1.30 12.41 -5.27
O2' SAM H . -2.67 12.32 -4.96
C1' SAM H . -0.59 11.07 -5.05
N9 SAM H . 0.83 11.24 -4.73
C8 SAM H . 1.90 11.07 -5.58
N7 SAM H . 3.05 11.31 -5.01
C5 SAM H . 2.72 11.65 -3.70
C6 SAM H . 3.50 12.02 -2.59
N6 SAM H . 4.83 12.10 -2.61
N1 SAM H . 2.85 12.30 -1.43
C2 SAM H . 1.51 12.22 -1.42
N3 SAM H . 0.68 11.89 -2.40
C4 SAM H . 1.36 11.61 -3.53
C1 GOL I . 1.24 13.19 -12.12
O1 GOL I . 0.96 13.02 -13.52
C2 GOL I . 2.37 12.29 -11.67
O2 GOL I . 2.50 11.19 -12.58
C3 GOL I . 3.69 13.02 -11.55
O3 GOL I . 3.84 13.62 -10.27
#